data_1FPN
#
_entry.id   1FPN
#
_cell.length_a   308.680
_cell.length_b   352.980
_cell.length_c   380.480
_cell.angle_alpha   90.00
_cell.angle_beta   90.00
_cell.angle_gamma   90.00
#
_symmetry.space_group_name_H-M   'I 2 2 2'
#
loop_
_entity.id
_entity.type
_entity.pdbx_description
1 polymer 'COAT PROTEIN VP1'
2 polymer 'COAT PROTEIN VP2'
3 polymer 'COAT PROTEIN VP3'
4 polymer 'COAT PROTEIN VP4'
5 non-polymer 'LAURIC ACID'
6 water water
#
loop_
_entity_poly.entity_id
_entity_poly.type
_entity_poly.pdbx_seq_one_letter_code
_entity_poly.pdbx_strand_id
1 'polypeptide(L)'
;NPVENYIDEVLNEVLVVPNINSSNPTTSNSAPALDAAETGHTSSVQPEDVIETRYVQTSQTRDEMSLESFLGRSGCIHES
KLEVTLANYNKENFTVWAINLQEMAQIRRKFELFTYTRFDSEITLVPCISALSQDIGHITMQYMYVPPGAPVPNSRDDYA
WQSGTNASVFWQHGQAYPRFSLPFLSVASAYYMFYDGYDEQDQNYGTANTNNMGSLCSRIVTEKHIHKVHIMTRIYHKAK
HVKAWCPRPPRALEYTRAHRTNFKIEDRSIQTAIVTRPIITTAGPSDMY
;
1
2 'polypeptide(L)'
;SPTVEACGYSDRIIQITRGDSTITSQDVANAIVAYGVWPHYLSSKDASAIDKPSQPDTSSNRFYTLRSVTWSSSSKGWWW
KLPDALKDMGIFGENMFYHYLGRSGYTIHVQCNASKFHQGTLIVALIPEHQIASALHGNVNVGYNYTHPGETGREVKAET
RLNPDLQPTEEYWLNFDGTLLGNITIFPHQFINLRSNNSATIIAPYVNAVPMDSMRSHNNWSLVIIPICPLETSSAINTI
PITISISPMCAEFSGARAKRQ
;
2
3 'polypeptide(L)'
;GLPVFITPGSGQFLTTDDFQSPCALPWYHPTKEISIPGEVKNLVEICQVDSLVPINNTDTYINSENMYSVVLQSSINAPD
KIFSIRTDVASQPLATTLIGEISSYFTHWTGSLRFSFMFCGTANTTVKLLLAYTPPGIAEPTTRKDAMLGTHVIWDVGLQ
STISMVVPWISASHYRNTSPGRSTSGYITCWYQTRLVIPPQTPPTARLLCFVSGCKDFCLRMARDTNLHLQSGAIAQ
;
3
4 'polypeptide(L)' GAQVSRQNVGTHSTQNSVSNGSSLNYFNINYFKDAASNGASKLEFTQDPSKFTDPVKDVLEKGIPTLQ 4
#
loop_
_chem_comp.id
_chem_comp.type
_chem_comp.name
_chem_comp.formula
DAO non-polymer 'LAURIC ACID' 'C12 H24 O2'
#
# COMPACT_ATOMS: atom_id res chain seq x y z
N LEU A 15 23.22 6.36 4.38
CA LEU A 15 22.13 7.28 3.86
C LEU A 15 21.77 8.38 4.90
N VAL A 16 22.24 9.60 4.61
CA VAL A 16 22.06 10.77 5.50
C VAL A 16 20.78 11.61 5.42
N VAL A 17 20.29 12.01 6.61
CA VAL A 17 19.12 12.88 6.74
C VAL A 17 19.71 14.31 6.65
N PRO A 18 19.03 15.25 5.93
CA PRO A 18 19.61 16.60 5.86
C PRO A 18 19.62 17.37 7.19
N ASN A 19 20.53 18.34 7.27
CA ASN A 19 20.70 19.19 8.46
C ASN A 19 19.59 20.26 8.55
N ILE A 20 19.28 20.67 9.79
CA ILE A 20 18.30 21.74 10.02
C ILE A 20 19.14 23.03 10.01
N ASN A 21 18.87 23.91 9.04
CA ASN A 21 19.60 25.16 8.90
C ASN A 21 19.04 26.28 9.78
N SER A 22 19.85 27.32 9.97
CA SER A 22 19.42 28.47 10.75
C SER A 22 18.30 29.21 9.98
N SER A 23 17.37 29.81 10.71
CA SER A 23 16.27 30.53 10.06
C SER A 23 16.02 31.86 10.77
N ASN A 24 15.57 32.86 10.01
CA ASN A 24 15.29 34.19 10.55
C ASN A 24 13.85 34.69 10.40
N PRO A 25 13.53 35.81 11.07
CA PRO A 25 12.15 36.34 10.95
C PRO A 25 11.92 36.91 9.54
N THR A 26 10.93 36.37 8.84
CA THR A 26 10.65 36.86 7.50
C THR A 26 9.35 37.67 7.48
N THR A 27 9.32 38.65 6.58
CA THR A 27 8.15 39.53 6.35
C THR A 27 8.16 39.59 4.82
N SER A 28 7.40 38.71 4.18
CA SER A 28 7.41 38.67 2.72
C SER A 28 6.09 38.40 1.98
N ASN A 29 6.18 38.55 0.67
CA ASN A 29 5.07 38.34 -0.24
C ASN A 29 4.87 36.85 -0.59
N SER A 30 5.93 36.04 -0.47
CA SER A 30 5.81 34.61 -0.75
C SER A 30 5.53 33.81 0.52
N ALA A 31 4.38 33.12 0.51
CA ALA A 31 3.89 32.29 1.61
C ALA A 31 4.18 30.79 1.34
N PRO A 32 5.41 30.28 1.69
CA PRO A 32 5.73 28.84 1.47
C PRO A 32 4.75 27.87 2.19
N ALA A 33 4.16 28.35 3.28
CA ALA A 33 3.18 27.57 4.08
C ALA A 33 1.86 27.37 3.31
N LEU A 34 1.52 28.32 2.42
CA LEU A 34 0.29 28.28 1.62
C LEU A 34 0.45 27.50 0.29
N ASP A 35 -0.47 26.56 0.07
CA ASP A 35 -0.45 25.72 -1.13
C ASP A 35 -1.88 25.18 -1.45
N ALA A 36 -1.95 24.27 -2.43
CA ALA A 36 -3.19 23.62 -2.87
C ALA A 36 -2.89 22.10 -2.92
N ALA A 37 -3.53 21.32 -2.04
CA ALA A 37 -3.33 19.87 -1.99
C ALA A 37 -4.25 19.16 -3.01
N GLU A 38 -5.10 19.97 -3.66
CA GLU A 38 -6.04 19.50 -4.70
C GLU A 38 -5.19 18.89 -5.85
N THR A 39 -3.99 19.46 -6.03
CA THR A 39 -3.00 19.05 -7.04
C THR A 39 -2.52 17.58 -6.88
N GLY A 40 -2.70 17.00 -5.68
CA GLY A 40 -2.26 15.63 -5.44
C GLY A 40 -0.79 15.56 -5.09
N HIS A 41 -0.18 16.74 -4.83
CA HIS A 41 1.25 16.86 -4.47
C HIS A 41 1.36 17.12 -2.96
N THR A 42 2.38 16.53 -2.32
CA THR A 42 2.62 16.74 -0.88
C THR A 42 3.40 18.05 -0.70
N SER A 43 3.09 18.81 0.38
CA SER A 43 3.75 20.09 0.65
C SER A 43 5.29 19.97 0.80
N SER A 44 6.00 21.05 0.46
CA SER A 44 7.46 21.07 0.56
C SER A 44 8.00 21.90 1.75
N VAL A 45 7.09 22.34 2.62
CA VAL A 45 7.46 23.14 3.79
C VAL A 45 8.35 22.34 4.77
N GLN A 46 9.46 22.98 5.16
CA GLN A 46 10.42 22.40 6.09
C GLN A 46 10.36 23.31 7.34
N PRO A 47 10.96 22.87 8.47
CA PRO A 47 10.93 23.69 9.70
C PRO A 47 11.30 25.18 9.56
N GLU A 48 12.34 25.44 8.78
CA GLU A 48 12.86 26.78 8.53
C GLU A 48 11.85 27.76 7.88
N ASP A 49 10.83 27.23 7.21
CA ASP A 49 9.82 28.07 6.54
C ASP A 49 8.72 28.64 7.48
N VAL A 50 8.42 27.89 8.54
CA VAL A 50 7.36 28.23 9.50
C VAL A 50 7.83 28.81 10.88
N ILE A 51 9.05 28.50 11.29
CA ILE A 51 9.56 28.99 12.59
C ILE A 51 11.00 29.52 12.48
N GLU A 52 11.42 30.33 13.46
CA GLU A 52 12.80 30.83 13.49
C GLU A 52 13.56 29.65 14.09
N THR A 53 14.13 28.90 13.17
CA THR A 53 14.85 27.68 13.45
C THR A 53 16.33 27.86 13.86
N ARG A 54 16.74 26.92 14.71
CA ARG A 54 18.08 26.82 15.27
C ARG A 54 18.90 25.92 14.34
N TYR A 55 20.20 26.20 14.21
CA TYR A 55 21.06 25.34 13.38
C TYR A 55 21.50 24.07 14.16
N VAL A 56 20.98 22.92 13.73
CA VAL A 56 21.28 21.61 14.33
C VAL A 56 21.99 20.72 13.29
N GLN A 57 23.07 20.04 13.69
CA GLN A 57 23.78 19.14 12.75
C GLN A 57 23.29 17.70 12.92
N THR A 58 22.21 17.36 12.21
CA THR A 58 21.63 16.01 12.28
C THR A 58 22.64 14.98 11.73
N SER A 59 22.64 13.81 12.38
CA SER A 59 23.55 12.70 12.04
C SER A 59 22.85 11.32 12.05
N GLN A 60 21.85 11.13 11.18
CA GLN A 60 21.10 9.86 11.12
C GLN A 60 21.25 9.14 9.77
N THR A 61 21.52 7.85 9.81
CA THR A 61 21.61 7.11 8.57
C THR A 61 20.16 6.58 8.41
N ARG A 62 19.78 6.26 7.17
CA ARG A 62 18.46 5.76 6.89
C ARG A 62 18.51 4.34 6.35
N ASP A 63 19.64 3.67 6.57
CA ASP A 63 19.85 2.31 6.12
C ASP A 63 18.85 1.32 6.62
N GLU A 64 18.57 1.37 7.92
CA GLU A 64 17.63 0.43 8.50
C GLU A 64 16.23 0.57 7.94
N MET A 65 15.95 1.68 7.28
CA MET A 65 14.62 1.89 6.71
C MET A 65 14.57 1.45 5.25
N SER A 66 15.65 0.86 4.75
CA SER A 66 15.72 0.43 3.36
C SER A 66 14.88 -0.82 3.21
N LEU A 67 14.52 -1.17 1.98
CA LEU A 67 13.71 -2.37 1.77
C LEU A 67 14.50 -3.59 2.13
N GLU A 68 15.79 -3.58 1.81
CA GLU A 68 16.63 -4.73 2.11
C GLU A 68 16.58 -5.01 3.61
N SER A 69 16.64 -3.96 4.40
CA SER A 69 16.63 -4.10 5.85
C SER A 69 15.27 -4.48 6.34
N PHE A 70 14.24 -3.84 5.82
CA PHE A 70 12.88 -4.09 6.26
C PHE A 70 12.37 -5.49 5.93
N LEU A 71 12.56 -5.92 4.70
CA LEU A 71 12.12 -7.23 4.27
C LEU A 71 13.16 -8.32 4.48
N GLY A 72 14.43 -7.93 4.64
CA GLY A 72 15.50 -8.90 4.82
C GLY A 72 15.63 -9.46 6.23
N ARG A 73 14.52 -9.97 6.76
CA ARG A 73 14.47 -10.56 8.10
C ARG A 73 13.67 -11.82 7.97
N SER A 74 14.11 -12.89 8.64
CA SER A 74 13.44 -14.19 8.57
C SER A 74 12.18 -14.26 9.40
N GLY A 75 11.07 -14.64 8.78
CA GLY A 75 9.83 -14.73 9.52
C GLY A 75 9.15 -16.02 9.14
N CYS A 76 8.31 -16.55 10.02
CA CYS A 76 7.62 -17.81 9.73
C CYS A 76 6.55 -17.68 8.66
N ILE A 77 6.56 -18.59 7.70
CA ILE A 77 5.56 -18.58 6.65
C ILE A 77 4.72 -19.86 6.59
N HIS A 78 5.11 -20.89 7.34
CA HIS A 78 4.39 -22.15 7.33
C HIS A 78 4.82 -23.03 8.49
N GLU A 79 3.89 -23.76 9.08
CA GLU A 79 4.19 -24.70 10.15
C GLU A 79 3.69 -26.05 9.67
N SER A 80 4.60 -26.93 9.25
CA SER A 80 4.21 -28.22 8.72
C SER A 80 4.22 -29.33 9.75
N LYS A 81 3.05 -29.86 10.06
CA LYS A 81 2.97 -30.92 11.06
C LYS A 81 2.84 -32.30 10.47
N LEU A 82 3.77 -33.17 10.80
CA LEU A 82 3.71 -34.54 10.30
C LEU A 82 3.44 -35.47 11.49
N GLU A 83 2.27 -36.07 11.57
CA GLU A 83 2.02 -36.99 12.66
C GLU A 83 2.32 -38.38 12.18
N VAL A 84 3.40 -38.95 12.68
CA VAL A 84 3.80 -40.27 12.21
C VAL A 84 2.85 -41.36 12.66
N THR A 85 2.27 -42.08 11.71
CA THR A 85 1.38 -43.19 12.02
C THR A 85 2.19 -44.47 11.84
N LEU A 86 2.11 -45.37 12.80
CA LEU A 86 2.86 -46.62 12.70
C LEU A 86 2.06 -47.70 11.99
N ALA A 87 0.74 -47.52 11.93
CA ALA A 87 -0.13 -48.49 11.29
C ALA A 87 0.11 -48.57 9.78
N ASN A 88 -0.12 -47.50 9.05
CA ASN A 88 0.12 -47.60 7.61
C ASN A 88 1.35 -46.80 7.30
N TYR A 89 2.47 -47.33 7.76
CA TYR A 89 3.72 -46.60 7.63
C TYR A 89 4.13 -46.07 6.28
N ASN A 90 3.93 -46.82 5.21
CA ASN A 90 4.36 -46.34 3.90
C ASN A 90 3.28 -45.63 3.12
N LYS A 91 2.05 -45.88 3.53
CA LYS A 91 0.90 -45.30 2.87
C LYS A 91 0.74 -43.82 3.13
N GLU A 92 1.04 -43.42 4.36
CA GLU A 92 0.94 -42.03 4.73
C GLU A 92 2.29 -41.48 5.11
N ASN A 93 2.35 -40.69 6.17
CA ASN A 93 3.60 -40.13 6.64
C ASN A 93 4.37 -39.24 5.69
N PHE A 94 3.66 -38.36 4.99
CA PHE A 94 4.28 -37.41 4.09
C PHE A 94 3.34 -36.20 4.11
N THR A 95 3.84 -35.03 3.71
CA THR A 95 3.02 -33.82 3.71
C THR A 95 3.22 -33.11 2.38
N VAL A 96 2.25 -32.27 2.01
CA VAL A 96 2.34 -31.49 0.77
C VAL A 96 1.82 -30.11 1.07
N TRP A 97 2.52 -29.07 0.62
CA TRP A 97 2.07 -27.71 0.87
C TRP A 97 2.36 -26.84 -0.34
N ALA A 98 1.32 -26.23 -0.88
CA ALA A 98 1.47 -25.35 -2.02
C ALA A 98 2.07 -24.09 -1.46
N ILE A 99 3.31 -23.84 -1.82
CA ILE A 99 4.06 -22.69 -1.34
C ILE A 99 3.45 -21.32 -1.62
N ASN A 100 3.49 -20.44 -0.63
CA ASN A 100 2.98 -19.07 -0.78
C ASN A 100 3.31 -18.26 0.47
N LEU A 101 3.22 -16.93 0.36
CA LEU A 101 3.50 -16.04 1.48
C LEU A 101 2.21 -15.46 2.02
N GLN A 102 1.09 -16.14 1.84
CA GLN A 102 -0.21 -15.60 2.24
C GLN A 102 -0.80 -16.14 3.49
N GLU A 103 -0.19 -17.17 4.06
CA GLU A 103 -0.78 -17.77 5.23
C GLU A 103 -0.40 -17.29 6.62
N MET A 104 0.61 -16.43 6.74
CA MET A 104 1.00 -15.93 8.04
C MET A 104 0.99 -14.41 7.94
N ALA A 105 0.25 -13.78 8.82
CA ALA A 105 0.05 -12.34 8.80
C ALA A 105 1.25 -11.41 8.86
N GLN A 106 2.18 -11.62 9.78
CA GLN A 106 3.29 -10.67 9.88
C GLN A 106 4.07 -10.47 8.59
N ILE A 107 4.40 -11.57 7.92
CA ILE A 107 5.15 -11.50 6.67
C ILE A 107 4.28 -10.96 5.55
N ARG A 108 3.08 -11.50 5.45
CA ARG A 108 2.18 -11.09 4.40
C ARG A 108 1.98 -9.58 4.40
N ARG A 109 1.67 -8.99 5.55
CA ARG A 109 1.43 -7.56 5.59
C ARG A 109 2.61 -6.74 5.14
N LYS A 110 3.83 -7.18 5.44
CA LYS A 110 4.99 -6.38 5.05
C LYS A 110 5.16 -6.36 3.55
N PHE A 111 5.00 -7.49 2.89
CA PHE A 111 5.19 -7.51 1.45
C PHE A 111 4.05 -6.85 0.71
N GLU A 112 2.85 -6.87 1.27
CA GLU A 112 1.71 -6.25 0.64
C GLU A 112 1.69 -4.74 0.75
N LEU A 113 2.78 -4.17 1.20
CA LEU A 113 2.89 -2.73 1.30
C LEU A 113 3.29 -2.28 -0.10
N PHE A 114 3.58 -3.25 -0.98
CA PHE A 114 3.98 -2.96 -2.36
C PHE A 114 3.12 -3.74 -3.32
N THR A 115 2.96 -3.24 -4.54
CA THR A 115 2.15 -3.95 -5.53
C THR A 115 2.94 -5.07 -6.19
N TYR A 116 4.20 -4.79 -6.51
CA TYR A 116 5.07 -5.79 -7.14
C TYR A 116 6.37 -5.87 -6.36
N THR A 117 6.87 -7.09 -6.15
CA THR A 117 8.15 -7.24 -5.46
C THR A 117 9.02 -8.22 -6.24
N ARG A 118 10.33 -8.13 -6.06
CA ARG A 118 11.24 -9.04 -6.74
C ARG A 118 12.40 -9.26 -5.78
N PHE A 119 12.75 -10.52 -5.52
CA PHE A 119 13.82 -10.81 -4.60
C PHE A 119 14.17 -12.28 -4.65
N ASP A 120 15.31 -12.65 -4.06
CA ASP A 120 15.74 -14.04 -3.95
C ASP A 120 15.26 -14.44 -2.56
N SER A 121 15.12 -15.74 -2.32
CA SER A 121 14.61 -16.18 -1.04
C SER A 121 15.56 -17.05 -0.25
N GLU A 122 15.65 -16.82 1.06
CA GLU A 122 16.47 -17.68 1.88
C GLU A 122 15.46 -18.44 2.73
N ILE A 123 15.56 -19.77 2.72
CA ILE A 123 14.63 -20.59 3.50
C ILE A 123 15.39 -21.29 4.60
N THR A 124 14.94 -21.13 5.84
CA THR A 124 15.58 -21.81 6.95
C THR A 124 14.53 -22.69 7.57
N LEU A 125 14.88 -23.92 7.88
CA LEU A 125 13.93 -24.88 8.46
C LEU A 125 14.21 -25.13 9.93
N VAL A 126 13.16 -25.19 10.76
CA VAL A 126 13.34 -25.48 12.17
C VAL A 126 12.47 -26.69 12.49
N PRO A 127 13.05 -27.90 12.36
CA PRO A 127 12.35 -29.16 12.63
C PRO A 127 12.37 -29.53 14.11
N CYS A 128 11.20 -29.83 14.68
CA CYS A 128 11.13 -30.20 16.08
C CYS A 128 10.39 -31.50 16.23
N ILE A 129 11.04 -32.48 16.85
CA ILE A 129 10.46 -33.78 17.10
C ILE A 129 9.75 -33.81 18.45
N SER A 130 8.47 -34.18 18.48
CA SER A 130 7.74 -34.27 19.75
C SER A 130 7.68 -35.74 20.11
N ALA A 131 8.31 -36.10 21.23
CA ALA A 131 8.30 -37.49 21.69
C ALA A 131 6.95 -37.89 22.29
N LEU A 132 6.34 -38.93 21.74
CA LEU A 132 5.08 -39.45 22.25
C LEU A 132 5.32 -40.89 22.77
N SER A 133 6.57 -41.36 22.76
CA SER A 133 6.94 -42.70 23.26
C SER A 133 8.13 -42.50 24.20
N GLN A 134 8.65 -43.60 24.73
CA GLN A 134 9.76 -43.48 25.67
C GLN A 134 11.03 -42.88 25.06
N ASP A 135 11.30 -43.18 23.79
CA ASP A 135 12.49 -42.68 23.13
C ASP A 135 12.08 -42.17 21.75
N ILE A 136 13.00 -41.48 21.07
CA ILE A 136 12.72 -41.00 19.73
C ILE A 136 13.54 -41.73 18.65
N GLY A 137 14.49 -42.55 19.08
CA GLY A 137 15.31 -43.29 18.14
C GLY A 137 16.14 -42.38 17.25
N HIS A 138 16.21 -42.71 15.95
CA HIS A 138 16.97 -41.91 15.01
C HIS A 138 15.96 -41.46 13.96
N ILE A 139 15.69 -40.17 13.87
CA ILE A 139 14.74 -39.66 12.89
C ILE A 139 15.43 -38.84 11.81
N THR A 140 15.07 -39.10 10.55
CA THR A 140 15.63 -38.38 9.41
C THR A 140 14.46 -37.93 8.52
N MET A 141 14.49 -36.68 8.08
CA MET A 141 13.43 -36.13 7.25
C MET A 141 13.98 -35.74 5.90
N GLN A 142 13.10 -35.73 4.91
CA GLN A 142 13.45 -35.32 3.56
C GLN A 142 12.45 -34.27 3.13
N TYR A 143 12.97 -33.14 2.65
CA TYR A 143 12.10 -32.05 2.18
C TYR A 143 12.41 -31.89 0.71
N MET A 144 11.41 -32.05 -0.14
CA MET A 144 11.63 -31.94 -1.57
C MET A 144 10.81 -30.82 -2.18
N TYR A 145 11.43 -30.05 -3.07
CA TYR A 145 10.73 -28.96 -3.76
C TYR A 145 10.17 -29.53 -5.07
N VAL A 146 8.86 -29.50 -5.23
CA VAL A 146 8.22 -30.02 -6.43
C VAL A 146 7.62 -28.88 -7.27
N PRO A 147 8.32 -28.48 -8.34
CA PRO A 147 7.81 -27.40 -9.19
C PRO A 147 6.51 -27.82 -9.88
N PRO A 148 5.70 -26.85 -10.32
CA PRO A 148 4.46 -27.27 -10.98
C PRO A 148 4.65 -28.20 -12.15
N GLY A 149 3.96 -29.34 -12.12
CA GLY A 149 4.08 -30.28 -13.21
C GLY A 149 4.82 -31.56 -12.85
N ALA A 150 5.79 -31.46 -11.93
CA ALA A 150 6.55 -32.62 -11.49
C ALA A 150 5.58 -33.50 -10.70
N PRO A 151 5.80 -34.83 -10.70
CA PRO A 151 4.88 -35.69 -9.96
C PRO A 151 4.93 -35.45 -8.45
N VAL A 152 3.75 -35.29 -7.86
CA VAL A 152 3.64 -35.07 -6.43
C VAL A 152 3.56 -36.42 -5.75
N PRO A 153 4.35 -36.63 -4.68
CA PRO A 153 4.34 -37.90 -3.94
C PRO A 153 2.96 -38.25 -3.39
N ASN A 154 2.62 -39.54 -3.46
CA ASN A 154 1.35 -40.07 -3.00
C ASN A 154 1.43 -40.93 -1.76
N SER A 155 2.65 -41.18 -1.31
CA SER A 155 2.86 -42.04 -0.17
C SER A 155 4.28 -41.83 0.28
N ARG A 156 4.62 -42.37 1.44
CA ARG A 156 5.96 -42.26 1.99
C ARG A 156 7.01 -42.93 1.09
N ASP A 157 6.61 -43.98 0.39
CA ASP A 157 7.53 -44.71 -0.48
C ASP A 157 7.35 -44.45 -1.96
N ASP A 158 6.73 -43.32 -2.30
CA ASP A 158 6.53 -42.97 -3.69
C ASP A 158 7.90 -42.90 -4.40
N TYR A 159 7.91 -43.26 -5.68
CA TYR A 159 9.15 -43.23 -6.44
C TYR A 159 9.65 -41.81 -6.66
N ALA A 160 8.76 -40.84 -6.49
CA ALA A 160 9.14 -39.46 -6.71
C ALA A 160 10.20 -38.98 -5.71
N TRP A 161 10.30 -39.68 -4.58
CA TRP A 161 11.27 -39.32 -3.54
C TRP A 161 12.68 -39.67 -3.94
N GLN A 162 12.84 -40.30 -5.10
CA GLN A 162 14.19 -40.65 -5.58
C GLN A 162 14.90 -39.35 -5.84
N SER A 163 14.13 -38.30 -6.14
CA SER A 163 14.68 -36.97 -6.37
C SER A 163 15.75 -36.92 -7.45
N GLY A 164 15.52 -37.64 -8.54
CA GLY A 164 16.49 -37.69 -9.61
C GLY A 164 16.87 -36.32 -10.13
N THR A 165 15.95 -35.37 -10.12
CA THR A 165 16.33 -34.07 -10.57
C THR A 165 15.78 -32.91 -9.72
N ASN A 166 14.70 -33.14 -8.98
CA ASN A 166 14.16 -32.12 -8.07
C ASN A 166 15.19 -31.95 -6.94
N ALA A 167 15.15 -30.81 -6.25
CA ALA A 167 16.08 -30.57 -5.17
C ALA A 167 15.47 -31.08 -3.88
N SER A 168 16.23 -31.87 -3.13
CA SER A 168 15.77 -32.37 -1.83
C SER A 168 16.81 -31.96 -0.80
N VAL A 169 16.39 -31.83 0.46
CA VAL A 169 17.32 -31.52 1.52
C VAL A 169 16.97 -32.46 2.67
N PHE A 170 17.99 -33.00 3.32
CA PHE A 170 17.82 -33.94 4.40
C PHE A 170 18.23 -33.41 5.73
N TRP A 171 17.44 -33.75 6.75
CA TRP A 171 17.73 -33.34 8.10
C TRP A 171 17.60 -34.55 9.00
N GLN A 172 18.56 -34.75 9.89
CA GLN A 172 18.46 -35.84 10.84
C GLN A 172 18.60 -35.27 12.25
N HIS A 173 17.99 -35.93 13.21
CA HIS A 173 18.07 -35.48 14.57
C HIS A 173 19.53 -35.22 14.91
N GLY A 174 19.81 -34.07 15.49
CA GLY A 174 21.19 -33.74 15.84
C GLY A 174 21.84 -32.74 14.92
N GLN A 175 21.26 -32.59 13.73
CA GLN A 175 21.81 -31.71 12.72
C GLN A 175 21.35 -30.25 12.92
N ALA A 176 22.19 -29.31 12.54
CA ALA A 176 21.83 -27.89 12.65
C ALA A 176 20.66 -27.59 11.72
N TYR A 177 20.07 -26.42 11.89
CA TYR A 177 18.94 -26.01 11.07
C TYR A 177 19.27 -25.94 9.58
N PRO A 178 18.53 -26.68 8.74
CA PRO A 178 18.83 -26.61 7.29
C PRO A 178 18.52 -25.21 6.74
N ARG A 179 19.19 -24.84 5.66
CA ARG A 179 18.97 -23.53 5.02
C ARG A 179 19.46 -23.59 3.58
N PHE A 180 18.76 -22.91 2.68
CA PHE A 180 19.17 -22.86 1.29
C PHE A 180 18.49 -21.67 0.63
N SER A 181 19.05 -21.20 -0.47
CA SER A 181 18.48 -20.07 -1.18
C SER A 181 17.79 -20.51 -2.45
N LEU A 182 16.83 -19.70 -2.88
CA LEU A 182 16.08 -19.94 -4.12
C LEU A 182 16.19 -18.63 -4.91
N PRO A 183 16.43 -18.71 -6.22
CA PRO A 183 16.51 -17.44 -6.96
C PRO A 183 15.09 -16.96 -7.25
N PHE A 184 14.93 -15.72 -7.67
CA PHE A 184 13.62 -15.15 -8.03
C PHE A 184 12.95 -16.15 -8.98
N LEU A 185 11.80 -16.70 -8.58
CA LEU A 185 11.13 -17.75 -9.34
C LEU A 185 10.08 -17.50 -10.41
N SER A 186 9.57 -16.28 -10.53
CA SER A 186 8.51 -16.01 -11.47
C SER A 186 8.80 -16.08 -12.94
N VAL A 187 7.74 -16.30 -13.73
CA VAL A 187 7.88 -16.32 -15.18
C VAL A 187 7.72 -14.87 -15.63
N ALA A 188 7.32 -13.99 -14.70
CA ALA A 188 7.16 -12.57 -15.03
C ALA A 188 8.39 -11.86 -14.49
N SER A 189 8.43 -10.54 -14.59
CA SER A 189 9.60 -9.79 -14.11
C SER A 189 9.52 -9.44 -12.64
N ALA A 190 8.39 -9.73 -12.00
CA ALA A 190 8.22 -9.45 -10.59
C ALA A 190 7.06 -10.26 -10.07
N TYR A 191 6.98 -10.43 -8.76
CA TYR A 191 5.89 -11.19 -8.15
C TYR A 191 4.69 -10.25 -8.07
N TYR A 192 3.48 -10.77 -8.21
CA TYR A 192 2.30 -9.92 -8.09
C TYR A 192 1.82 -10.02 -6.66
N MET A 193 1.86 -8.93 -5.90
CA MET A 193 1.37 -8.99 -4.53
C MET A 193 -0.15 -8.87 -4.59
N PHE A 194 -0.63 -8.28 -5.69
CA PHE A 194 -2.06 -8.11 -5.95
C PHE A 194 -2.27 -8.32 -7.44
N TYR A 195 -3.45 -8.79 -7.83
CA TYR A 195 -3.70 -9.04 -9.24
C TYR A 195 -5.17 -8.80 -9.55
N ASP A 196 -5.48 -7.76 -10.31
CA ASP A 196 -6.85 -7.46 -10.64
C ASP A 196 -7.18 -8.22 -11.92
N GLY A 197 -7.20 -9.55 -11.84
CA GLY A 197 -7.44 -10.33 -13.04
C GLY A 197 -7.88 -11.76 -12.79
N TYR A 198 -8.18 -12.47 -13.88
CA TYR A 198 -8.69 -13.85 -13.81
C TYR A 198 -7.96 -14.88 -14.65
N ASP A 199 -8.54 -16.07 -14.58
CA ASP A 199 -8.26 -17.30 -15.30
C ASP A 199 -8.44 -17.04 -16.75
N GLU A 200 -8.06 -18.01 -17.55
CA GLU A 200 -8.33 -17.87 -18.95
C GLU A 200 -9.79 -18.31 -19.07
N GLN A 201 -10.34 -18.79 -17.96
CA GLN A 201 -11.72 -19.22 -17.94
C GLN A 201 -12.64 -18.31 -17.17
N ASP A 202 -12.15 -17.12 -16.86
CA ASP A 202 -12.93 -16.12 -16.18
C ASP A 202 -13.25 -16.51 -14.76
N GLN A 203 -12.31 -17.23 -14.18
CA GLN A 203 -12.45 -17.65 -12.80
C GLN A 203 -11.25 -17.36 -11.92
N ASN A 204 -11.40 -17.60 -10.63
CA ASN A 204 -10.32 -17.37 -9.69
C ASN A 204 -9.75 -16.00 -9.73
N TYR A 205 -10.54 -15.03 -9.34
CA TYR A 205 -10.06 -13.67 -9.31
C TYR A 205 -8.92 -13.59 -8.31
N GLY A 206 -7.87 -12.85 -8.65
CA GLY A 206 -6.79 -12.68 -7.70
C GLY A 206 -5.46 -13.29 -8.00
N THR A 207 -4.58 -13.27 -7.00
CA THR A 207 -3.24 -13.81 -7.15
C THR A 207 -3.12 -15.32 -7.18
N ALA A 208 -4.24 -16.05 -7.13
CA ALA A 208 -4.13 -17.49 -7.21
C ALA A 208 -3.60 -17.86 -8.61
N ASN A 209 -3.96 -17.05 -9.61
CA ASN A 209 -3.53 -17.27 -11.00
C ASN A 209 -2.05 -17.07 -11.22
N THR A 210 -1.58 -15.95 -10.72
CA THR A 210 -0.22 -15.56 -10.89
C THR A 210 0.80 -16.24 -9.99
N ASN A 211 0.39 -16.64 -8.81
CA ASN A 211 1.40 -17.16 -7.91
C ASN A 211 1.36 -18.64 -7.60
N ASN A 212 1.78 -19.37 -8.63
CA ASN A 212 1.90 -20.83 -8.61
C ASN A 212 3.39 -21.24 -8.61
N MET A 213 3.94 -21.43 -7.40
CA MET A 213 5.35 -21.78 -7.21
C MET A 213 5.59 -23.27 -6.92
N GLY A 214 4.57 -24.09 -7.09
CA GLY A 214 4.75 -25.50 -6.82
C GLY A 214 4.61 -25.83 -5.34
N SER A 215 5.01 -27.05 -4.95
CA SER A 215 4.86 -27.48 -3.58
C SER A 215 6.12 -27.86 -2.85
N LEU A 216 6.02 -27.89 -1.52
CA LEU A 216 7.11 -28.33 -0.70
C LEU A 216 6.55 -29.60 -0.07
N CYS A 217 7.18 -30.73 -0.34
CA CYS A 217 6.74 -32.01 0.18
C CYS A 217 7.76 -32.57 1.13
N SER A 218 7.32 -33.31 2.15
CA SER A 218 8.26 -33.91 3.07
C SER A 218 7.82 -35.30 3.51
N ARG A 219 8.78 -36.14 3.91
CA ARG A 219 8.47 -37.47 4.42
C ARG A 219 9.51 -37.80 5.45
N ILE A 220 9.15 -38.71 6.33
CA ILE A 220 10.08 -39.20 7.32
C ILE A 220 10.78 -40.30 6.52
N VAL A 221 12.09 -40.20 6.42
CA VAL A 221 12.86 -41.16 5.67
C VAL A 221 13.12 -42.46 6.43
N THR A 222 13.30 -42.38 7.75
CA THR A 222 13.60 -43.59 8.50
C THR A 222 12.50 -44.63 8.30
N GLU A 223 12.93 -45.87 8.09
CA GLU A 223 12.04 -46.99 7.84
C GLU A 223 11.16 -47.27 9.08
N LYS A 224 10.13 -48.11 8.94
CA LYS A 224 9.24 -48.44 10.05
C LYS A 224 9.97 -48.70 11.36
N HIS A 225 9.52 -48.05 12.41
CA HIS A 225 10.12 -48.23 13.73
C HIS A 225 9.00 -48.25 14.75
N ILE A 226 9.34 -48.35 16.01
CA ILE A 226 8.28 -48.51 17.01
C ILE A 226 7.99 -47.29 17.93
N HIS A 227 8.51 -46.09 17.61
CA HIS A 227 8.27 -44.91 18.46
C HIS A 227 7.31 -43.87 17.90
N LYS A 228 6.18 -43.58 18.55
CA LYS A 228 5.30 -42.55 18.00
C LYS A 228 5.93 -41.20 18.25
N VAL A 229 5.93 -40.37 17.22
CA VAL A 229 6.47 -39.03 17.28
C VAL A 229 5.66 -38.13 16.33
N HIS A 230 5.72 -36.83 16.56
CA HIS A 230 5.08 -35.86 15.66
C HIS A 230 6.26 -34.98 15.29
N ILE A 231 6.32 -34.55 14.04
CA ILE A 231 7.42 -33.68 13.67
C ILE A 231 6.85 -32.40 13.13
N MET A 232 7.18 -31.29 13.78
CA MET A 232 6.68 -30.00 13.32
C MET A 232 7.85 -29.24 12.74
N THR A 233 7.78 -28.95 11.44
CA THR A 233 8.84 -28.19 10.81
C THR A 233 8.29 -26.82 10.45
N ARG A 234 8.86 -25.80 11.05
CA ARG A 234 8.45 -24.44 10.79
C ARG A 234 9.38 -23.92 9.71
N ILE A 235 8.82 -23.21 8.74
CA ILE A 235 9.58 -22.69 7.64
C ILE A 235 9.70 -21.20 7.74
N TYR A 236 10.93 -20.70 7.65
CA TYR A 236 11.21 -19.29 7.76
C TYR A 236 11.69 -18.75 6.45
N HIS A 237 11.23 -17.56 6.08
CA HIS A 237 11.61 -16.98 4.81
C HIS A 237 12.18 -15.60 4.97
N LYS A 238 13.29 -15.36 4.29
CA LYS A 238 13.92 -14.05 4.34
C LYS A 238 14.19 -13.61 2.90
N ALA A 239 13.79 -12.39 2.53
CA ALA A 239 14.03 -11.89 1.19
C ALA A 239 15.44 -11.30 1.06
N LYS A 240 16.11 -11.53 -0.06
CA LYS A 240 17.45 -10.99 -0.27
C LYS A 240 17.51 -10.27 -1.61
N HIS A 241 18.31 -9.21 -1.68
CA HIS A 241 18.47 -8.49 -2.94
C HIS A 241 17.10 -8.07 -3.44
N VAL A 242 16.42 -7.31 -2.60
CA VAL A 242 15.05 -6.84 -2.81
C VAL A 242 14.80 -5.60 -3.63
N LYS A 243 13.70 -5.62 -4.38
CA LYS A 243 13.25 -4.47 -5.17
C LYS A 243 11.74 -4.51 -5.04
N ALA A 244 11.09 -3.34 -5.06
CA ALA A 244 9.63 -3.28 -4.96
C ALA A 244 9.09 -2.05 -5.67
N TRP A 245 7.85 -2.13 -6.14
CA TRP A 245 7.24 -1.02 -6.87
C TRP A 245 5.81 -0.73 -6.43
N CYS A 246 5.41 0.54 -6.55
CA CYS A 246 4.04 0.93 -6.27
C CYS A 246 3.53 0.62 -4.88
N PRO A 247 3.90 1.46 -3.90
CA PRO A 247 3.50 1.28 -2.51
C PRO A 247 1.99 1.36 -2.36
N ARG A 248 1.48 0.69 -1.33
CA ARG A 248 0.05 0.64 -1.07
C ARG A 248 -0.21 0.88 0.39
N PRO A 249 -1.45 1.25 0.74
CA PRO A 249 -1.71 1.47 2.17
C PRO A 249 -1.62 0.15 2.90
N PRO A 250 -1.24 0.18 4.17
CA PRO A 250 -1.12 -1.08 4.90
C PRO A 250 -2.47 -1.76 5.18
N ARG A 251 -2.49 -3.09 5.22
CA ARG A 251 -3.71 -3.85 5.51
C ARG A 251 -4.34 -3.36 6.84
N ALA A 252 -5.60 -2.97 6.86
CA ALA A 252 -6.17 -2.44 8.08
C ALA A 252 -6.98 -3.41 8.93
N LEU A 253 -7.25 -4.58 8.39
CA LEU A 253 -8.05 -5.60 9.07
C LEU A 253 -7.40 -6.98 9.04
N GLU A 254 -7.90 -7.88 9.86
CA GLU A 254 -7.39 -9.24 9.89
C GLU A 254 -7.60 -9.89 8.53
N TYR A 255 -6.71 -10.81 8.18
CA TYR A 255 -6.80 -11.53 6.90
C TYR A 255 -7.71 -12.71 7.13
N THR A 256 -8.44 -13.14 6.11
CA THR A 256 -9.27 -14.31 6.31
C THR A 256 -8.90 -15.42 5.33
N ARG A 257 -8.44 -15.05 4.14
CA ARG A 257 -8.08 -16.07 3.14
C ARG A 257 -6.82 -15.75 2.41
N ALA A 258 -6.20 -16.78 1.85
CA ALA A 258 -4.99 -16.59 1.07
C ALA A 258 -5.39 -16.11 -0.31
N HIS A 259 -4.59 -15.25 -0.91
CA HIS A 259 -4.85 -14.77 -2.26
C HIS A 259 -6.09 -13.93 -2.49
N ARG A 260 -6.76 -13.55 -1.42
CA ARG A 260 -7.96 -12.73 -1.55
C ARG A 260 -7.89 -11.59 -0.57
N THR A 261 -8.41 -10.41 -0.94
CA THR A 261 -8.39 -9.29 -0.04
C THR A 261 -9.62 -9.24 0.88
N ASN A 262 -10.47 -10.27 0.80
CA ASN A 262 -11.67 -10.39 1.64
C ASN A 262 -11.36 -10.11 3.10
N PHE A 263 -12.30 -9.48 3.80
CA PHE A 263 -12.09 -9.13 5.20
C PHE A 263 -13.30 -9.40 6.06
N LYS A 264 -14.43 -9.73 5.43
CA LYS A 264 -15.63 -9.96 6.22
C LYS A 264 -15.60 -11.28 6.95
N ILE A 265 -15.97 -11.22 8.22
CA ILE A 265 -16.03 -12.39 9.07
C ILE A 265 -17.48 -12.56 9.49
N GLU A 266 -17.92 -13.81 9.59
CA GLU A 266 -19.29 -14.06 9.94
C GLU A 266 -19.70 -13.64 11.35
N ASP A 267 -20.80 -12.91 11.45
CA ASP A 267 -21.32 -12.47 12.75
C ASP A 267 -20.23 -11.79 13.57
N ARG A 268 -19.70 -10.73 12.98
CA ARG A 268 -18.64 -9.99 13.61
C ARG A 268 -18.52 -8.71 12.82
N SER A 269 -18.47 -7.60 13.54
CA SER A 269 -18.39 -6.30 12.89
C SER A 269 -16.98 -5.95 12.46
N ILE A 270 -16.90 -5.03 11.51
CA ILE A 270 -15.63 -4.60 11.01
C ILE A 270 -14.95 -3.83 12.12
N GLN A 271 -13.74 -4.26 12.44
CA GLN A 271 -12.98 -3.68 13.51
C GLN A 271 -11.58 -3.30 13.04
N THR A 272 -11.32 -2.00 12.93
CA THR A 272 -9.99 -1.51 12.52
C THR A 272 -9.15 -1.21 13.76
N ALA A 273 -7.94 -0.71 13.55
CA ALA A 273 -7.08 -0.38 14.68
C ALA A 273 -7.30 1.05 15.18
N ILE A 274 -8.31 1.73 14.65
CA ILE A 274 -8.57 3.08 15.10
C ILE A 274 -9.30 3.00 16.43
N VAL A 275 -8.86 3.78 17.42
CA VAL A 275 -9.52 3.76 18.73
C VAL A 275 -10.32 5.04 18.84
N THR A 276 -11.58 4.95 19.29
CA THR A 276 -12.40 6.15 19.41
C THR A 276 -12.17 6.89 20.72
N ARG A 277 -12.58 8.16 20.73
CA ARG A 277 -12.48 9.01 21.91
C ARG A 277 -13.85 9.71 22.05
N PRO A 278 -14.19 10.16 23.26
CA PRO A 278 -15.47 10.83 23.52
C PRO A 278 -15.67 12.18 22.83
N ILE A 279 -14.60 12.85 22.87
CA ILE A 279 -14.76 14.24 22.41
C ILE A 279 -13.49 14.60 21.63
N ILE A 280 -13.62 15.31 20.47
CA ILE A 280 -12.41 15.55 19.71
C ILE A 280 -11.66 16.80 20.13
N THR A 281 -12.11 17.46 21.19
CA THR A 281 -11.40 18.64 21.66
C THR A 281 -10.51 18.31 22.85
N THR A 282 -10.28 17.02 23.08
CA THR A 282 -9.38 16.58 24.14
C THR A 282 -8.52 15.50 23.51
N ALA A 283 -7.22 15.72 23.49
CA ALA A 283 -6.29 14.80 22.87
C ALA A 283 -6.16 13.49 23.62
N ARG B 12 -3.94 27.67 -13.99
CA ARG B 12 -5.39 27.27 -13.88
C ARG B 12 -5.98 26.71 -15.20
N ILE B 13 -5.48 27.23 -16.34
CA ILE B 13 -5.90 26.83 -17.70
C ILE B 13 -5.10 25.66 -18.32
N ILE B 14 -5.84 24.62 -18.72
CA ILE B 14 -5.24 23.45 -19.35
C ILE B 14 -5.88 23.35 -20.78
N GLN B 15 -5.18 22.69 -21.67
CA GLN B 15 -5.70 22.38 -22.99
C GLN B 15 -4.86 21.16 -23.31
N ILE B 16 -5.51 20.02 -23.47
CA ILE B 16 -4.80 18.80 -23.81
C ILE B 16 -5.39 18.38 -25.12
N THR B 17 -4.53 18.18 -26.12
CA THR B 17 -5.01 17.72 -27.40
C THR B 17 -4.52 16.29 -27.58
N ARG B 18 -5.45 15.39 -27.90
CA ARG B 18 -5.07 14.00 -28.11
C ARG B 18 -5.25 13.63 -29.57
N GLY B 19 -6.29 12.93 -29.96
CA GLY B 19 -6.31 12.62 -31.39
C GLY B 19 -6.84 13.84 -32.12
N ASP B 20 -8.11 13.70 -32.47
CA ASP B 20 -8.86 14.73 -33.10
C ASP B 20 -9.74 15.23 -31.95
N SER B 21 -9.20 15.18 -30.73
CA SER B 21 -9.93 15.61 -29.52
C SER B 21 -9.13 16.58 -28.65
N THR B 22 -9.81 17.60 -28.12
CA THR B 22 -9.15 18.57 -27.26
C THR B 22 -9.98 18.86 -26.01
N ILE B 23 -9.31 18.86 -24.88
CA ILE B 23 -9.92 19.12 -23.60
C ILE B 23 -9.43 20.47 -23.12
N THR B 24 -10.32 21.27 -22.56
CA THR B 24 -9.90 22.55 -21.98
C THR B 24 -10.51 22.63 -20.58
N SER B 25 -9.78 23.22 -19.65
CA SER B 25 -10.29 23.41 -18.30
C SER B 25 -9.63 24.64 -17.74
N GLN B 26 -10.50 25.65 -17.51
CA GLN B 26 -10.10 26.96 -16.97
C GLN B 26 -9.86 26.95 -15.45
N ASP B 27 -10.05 25.77 -14.82
CA ASP B 27 -9.84 25.58 -13.36
C ASP B 27 -9.26 24.21 -12.91
N VAL B 28 -8.00 24.04 -13.25
CA VAL B 28 -7.27 22.85 -12.90
C VAL B 28 -6.39 23.12 -11.64
N ALA B 29 -5.85 22.03 -11.12
CA ALA B 29 -4.87 21.95 -10.01
C ALA B 29 -3.98 21.18 -11.02
N ASN B 30 -2.96 21.83 -11.59
CA ASN B 30 -2.29 21.14 -12.68
C ASN B 30 -1.99 19.65 -12.59
N ALA B 31 -2.27 18.97 -13.71
CA ALA B 31 -2.11 17.54 -13.93
C ALA B 31 -1.04 16.78 -13.20
N ILE B 32 -1.36 15.53 -12.91
CA ILE B 32 -0.49 14.62 -12.19
C ILE B 32 0.01 13.55 -13.15
N VAL B 33 1.31 13.27 -13.17
CA VAL B 33 1.82 12.19 -14.03
C VAL B 33 2.11 11.02 -13.08
N ALA B 34 1.25 10.01 -13.09
CA ALA B 34 1.42 8.87 -12.20
C ALA B 34 2.84 8.34 -12.18
N TYR B 35 3.41 8.25 -10.99
CA TYR B 35 4.76 7.72 -10.78
C TYR B 35 5.88 8.42 -11.52
N GLY B 36 5.62 9.64 -11.97
CA GLY B 36 6.63 10.40 -12.65
C GLY B 36 7.03 9.86 -14.00
N VAL B 37 6.27 8.93 -14.57
CA VAL B 37 6.67 8.40 -15.86
C VAL B 37 5.65 8.65 -16.97
N TRP B 38 6.11 9.29 -18.03
CA TRP B 38 5.24 9.62 -19.14
C TRP B 38 5.04 8.36 -19.99
N PRO B 39 3.81 8.12 -20.49
CA PRO B 39 3.57 6.94 -21.31
C PRO B 39 4.48 6.88 -22.53
N HIS B 40 4.87 5.68 -22.94
CA HIS B 40 5.75 5.50 -24.10
C HIS B 40 5.55 4.09 -24.67
N TYR B 41 5.85 3.92 -25.95
CA TYR B 41 5.71 2.62 -26.59
C TYR B 41 6.69 1.63 -25.99
N LEU B 42 6.34 0.34 -26.04
CA LEU B 42 7.18 -0.70 -25.49
C LEU B 42 8.51 -0.80 -26.23
N SER B 43 9.58 -0.78 -25.46
CA SER B 43 10.94 -0.89 -25.95
C SER B 43 11.31 -2.33 -26.35
N SER B 44 12.19 -2.49 -27.33
CA SER B 44 12.56 -3.85 -27.74
C SER B 44 13.38 -4.58 -26.65
N LYS B 45 13.99 -3.81 -25.76
CA LYS B 45 14.78 -4.38 -24.70
C LYS B 45 13.93 -5.09 -23.62
N ASP B 46 12.69 -4.64 -23.45
CA ASP B 46 11.78 -5.21 -22.46
C ASP B 46 10.78 -6.19 -23.09
N ALA B 47 10.64 -6.13 -24.40
CA ALA B 47 9.69 -6.97 -25.13
C ALA B 47 9.83 -8.47 -24.92
N SER B 48 8.69 -9.15 -25.03
CA SER B 48 8.61 -10.61 -24.90
C SER B 48 8.12 -11.19 -26.24
N ALA B 49 6.87 -10.84 -26.61
CA ALA B 49 6.25 -11.27 -27.88
C ALA B 49 7.12 -10.80 -29.08
N ILE B 50 7.18 -11.63 -30.13
CA ILE B 50 8.05 -11.34 -31.27
C ILE B 50 7.42 -10.86 -32.58
N ASP B 51 6.12 -10.56 -32.60
CA ASP B 51 5.53 -10.03 -33.83
C ASP B 51 5.42 -8.48 -33.72
N LYS B 52 5.31 -7.81 -34.88
CA LYS B 52 5.19 -6.34 -34.92
C LYS B 52 3.88 -5.91 -34.25
N PRO B 53 3.96 -4.97 -33.29
CA PRO B 53 2.70 -4.58 -32.66
C PRO B 53 2.06 -3.52 -33.55
N SER B 54 0.73 -3.59 -33.68
CA SER B 54 0.00 -2.62 -34.47
C SER B 54 -0.22 -1.39 -33.58
N GLN B 55 -0.01 -0.20 -34.12
CA GLN B 55 -0.19 1.03 -33.36
C GLN B 55 -1.16 1.92 -34.13
N PRO B 56 -2.45 1.83 -33.80
CA PRO B 56 -3.48 2.63 -34.49
C PRO B 56 -3.36 4.15 -34.40
N ASP B 57 -2.50 4.65 -33.52
CA ASP B 57 -2.31 6.08 -33.41
C ASP B 57 -3.54 6.94 -33.10
N THR B 58 -3.76 8.02 -33.86
CA THR B 58 -4.87 8.92 -33.56
C THR B 58 -6.25 8.31 -33.58
N SER B 59 -6.40 7.13 -34.16
CA SER B 59 -7.73 6.52 -34.24
C SER B 59 -8.10 5.84 -32.95
N SER B 60 -7.09 5.51 -32.13
CA SER B 60 -7.36 4.88 -30.84
C SER B 60 -6.90 5.75 -29.67
N ASN B 61 -5.90 6.59 -29.90
CA ASN B 61 -5.36 7.45 -28.85
C ASN B 61 -6.06 8.79 -28.89
N ARG B 62 -7.29 8.82 -28.41
CA ARG B 62 -8.11 10.02 -28.44
C ARG B 62 -9.00 9.96 -27.22
N PHE B 63 -9.69 11.05 -26.92
CA PHE B 63 -10.55 11.05 -25.72
C PHE B 63 -11.90 10.39 -25.94
N TYR B 64 -12.25 9.49 -25.03
CA TYR B 64 -13.53 8.80 -25.09
C TYR B 64 -14.25 9.24 -23.82
N THR B 65 -15.43 9.83 -23.98
CA THR B 65 -16.22 10.27 -22.83
C THR B 65 -17.20 9.20 -22.40
N LEU B 66 -17.19 8.82 -21.12
CA LEU B 66 -18.11 7.82 -20.63
C LEU B 66 -19.39 8.46 -20.13
N ARG B 67 -20.33 7.58 -19.85
CA ARG B 67 -21.63 7.94 -19.33
C ARG B 67 -21.43 8.67 -18.01
N SER B 68 -22.03 9.86 -17.89
CA SER B 68 -21.95 10.68 -16.67
C SER B 68 -22.68 10.07 -15.48
N VAL B 69 -22.21 10.37 -14.26
CA VAL B 69 -22.88 9.90 -13.04
C VAL B 69 -23.32 11.15 -12.29
N THR B 70 -24.33 11.01 -11.45
CA THR B 70 -24.84 12.14 -10.70
C THR B 70 -24.34 12.16 -9.28
N TRP B 71 -23.80 13.30 -8.88
CA TRP B 71 -23.30 13.47 -7.52
C TRP B 71 -24.42 14.15 -6.73
N SER B 72 -24.90 13.49 -5.70
CA SER B 72 -25.94 14.06 -4.86
C SER B 72 -25.47 13.99 -3.42
N SER B 73 -26.24 14.54 -2.51
CA SER B 73 -25.79 14.55 -1.11
C SER B 73 -25.68 13.18 -0.48
N SER B 74 -26.27 12.17 -1.09
CA SER B 74 -26.15 10.86 -0.49
C SER B 74 -25.18 9.92 -1.21
N SER B 75 -24.42 10.45 -2.17
CA SER B 75 -23.47 9.65 -2.91
C SER B 75 -22.31 9.21 -2.04
N LYS B 76 -21.88 7.96 -2.18
CA LYS B 76 -20.76 7.44 -1.40
C LYS B 76 -19.52 7.13 -2.23
N GLY B 77 -19.69 6.86 -3.53
CA GLY B 77 -18.53 6.58 -4.35
C GLY B 77 -18.79 5.78 -5.60
N TRP B 78 -17.81 5.74 -6.49
CA TRP B 78 -17.88 5.04 -7.76
C TRP B 78 -16.53 4.53 -8.15
N TRP B 79 -16.48 3.51 -9.00
CA TRP B 79 -15.19 3.06 -9.53
C TRP B 79 -15.39 2.48 -10.92
N TRP B 80 -14.33 2.50 -11.72
CA TRP B 80 -14.32 2.01 -13.09
C TRP B 80 -13.00 1.30 -13.19
N LYS B 81 -12.87 0.36 -14.12
CA LYS B 81 -11.61 -0.35 -14.27
C LYS B 81 -11.09 -0.18 -15.69
N LEU B 82 -9.78 -0.08 -15.86
CA LEU B 82 -9.20 0.08 -17.20
C LEU B 82 -8.39 -1.16 -17.49
N PRO B 83 -8.42 -1.64 -18.73
CA PRO B 83 -9.14 -1.09 -19.90
C PRO B 83 -10.63 -1.38 -20.05
N ASP B 84 -11.21 -2.12 -19.13
CA ASP B 84 -12.62 -2.48 -19.21
C ASP B 84 -13.59 -1.36 -19.58
N ALA B 85 -13.44 -0.21 -18.97
CA ALA B 85 -14.34 0.90 -19.24
C ALA B 85 -14.39 1.33 -20.69
N LEU B 86 -13.34 1.01 -21.45
CA LEU B 86 -13.26 1.41 -22.86
C LEU B 86 -13.46 0.28 -23.84
N LYS B 87 -13.94 -0.86 -23.37
CA LYS B 87 -14.08 -2.01 -24.26
C LYS B 87 -15.04 -1.82 -25.40
N ASP B 88 -15.87 -0.80 -25.31
CA ASP B 88 -16.87 -0.53 -26.32
C ASP B 88 -16.58 0.73 -27.08
N MET B 89 -15.39 1.27 -26.87
CA MET B 89 -15.05 2.53 -27.48
C MET B 89 -14.29 2.52 -28.78
N GLY B 90 -15.02 2.69 -29.87
CA GLY B 90 -14.42 2.76 -31.19
C GLY B 90 -13.30 1.80 -31.53
N ILE B 91 -12.32 2.33 -32.25
CA ILE B 91 -11.21 1.52 -32.69
C ILE B 91 -10.41 0.93 -31.54
N PHE B 92 -10.33 1.63 -30.42
CA PHE B 92 -9.61 1.09 -29.29
C PHE B 92 -10.31 -0.21 -28.82
N GLY B 93 -11.62 -0.15 -28.63
CA GLY B 93 -12.35 -1.33 -28.23
C GLY B 93 -12.17 -2.48 -29.21
N GLU B 94 -12.23 -2.19 -30.52
CA GLU B 94 -12.06 -3.25 -31.50
C GLU B 94 -10.72 -3.93 -31.36
N ASN B 95 -9.64 -3.15 -31.33
CA ASN B 95 -8.31 -3.73 -31.24
C ASN B 95 -8.13 -4.59 -30.00
N MET B 96 -8.77 -4.16 -28.93
CA MET B 96 -8.73 -4.85 -27.67
C MET B 96 -9.19 -6.30 -27.77
N PHE B 97 -10.15 -6.57 -28.64
CA PHE B 97 -10.69 -7.92 -28.77
C PHE B 97 -10.24 -8.74 -29.96
N TYR B 98 -9.59 -8.09 -30.92
CA TYR B 98 -9.08 -8.80 -32.09
C TYR B 98 -7.68 -9.29 -31.78
N HIS B 99 -7.07 -8.73 -30.73
CA HIS B 99 -5.72 -9.10 -30.36
C HIS B 99 -5.64 -9.78 -29.03
N TYR B 100 -4.69 -10.69 -28.90
CA TYR B 100 -4.51 -11.40 -27.67
C TYR B 100 -3.90 -10.43 -26.64
N LEU B 101 -2.87 -9.70 -27.05
CA LEU B 101 -2.17 -8.77 -26.18
C LEU B 101 -2.34 -7.31 -26.53
N GLY B 102 -2.35 -6.48 -25.49
CA GLY B 102 -2.47 -5.06 -25.68
C GLY B 102 -1.67 -4.35 -24.61
N ARG B 103 -1.46 -3.04 -24.80
CA ARG B 103 -0.69 -2.25 -23.87
C ARG B 103 -1.09 -0.78 -24.11
N SER B 104 -1.27 -0.02 -23.03
CA SER B 104 -1.69 1.37 -23.17
C SER B 104 -1.49 2.21 -21.91
N GLY B 105 -1.31 3.52 -22.11
CA GLY B 105 -1.19 4.44 -21.00
C GLY B 105 -2.49 5.21 -21.14
N TYR B 106 -2.76 6.19 -20.29
CA TYR B 106 -4.02 6.93 -20.39
C TYR B 106 -3.94 8.34 -19.87
N THR B 107 -4.84 9.19 -20.34
CA THR B 107 -4.96 10.53 -19.77
C THR B 107 -6.41 10.48 -19.30
N ILE B 108 -6.59 10.64 -18.00
CA ILE B 108 -7.91 10.62 -17.40
C ILE B 108 -8.27 12.04 -17.01
N HIS B 109 -9.38 12.55 -17.52
CA HIS B 109 -9.80 13.91 -17.21
C HIS B 109 -11.19 13.81 -16.59
N VAL B 110 -11.28 14.07 -15.29
CA VAL B 110 -12.56 14.00 -14.57
C VAL B 110 -13.07 15.43 -14.47
N GLN B 111 -14.29 15.64 -14.92
CA GLN B 111 -14.82 16.99 -14.91
C GLN B 111 -16.08 17.13 -14.09
N CYS B 112 -16.10 18.19 -13.29
CA CYS B 112 -17.19 18.48 -12.38
C CYS B 112 -17.27 19.96 -12.05
N ASN B 113 -18.17 20.72 -12.68
CA ASN B 113 -18.27 22.14 -12.36
C ASN B 113 -19.50 22.37 -11.47
N ALA B 114 -19.48 23.45 -10.69
CA ALA B 114 -20.58 23.79 -9.80
C ALA B 114 -20.72 25.33 -9.78
N SER B 115 -20.68 25.95 -8.61
CA SER B 115 -20.78 27.41 -8.55
C SER B 115 -20.05 27.86 -7.31
N LYS B 116 -19.83 29.16 -7.14
CA LYS B 116 -19.13 29.60 -5.95
C LYS B 116 -20.02 29.52 -4.73
N PHE B 117 -21.22 28.97 -4.90
CA PHE B 117 -22.15 28.83 -3.80
C PHE B 117 -22.43 27.37 -3.50
N HIS B 118 -21.53 26.51 -3.98
CA HIS B 118 -21.59 25.05 -3.77
C HIS B 118 -20.29 24.65 -3.06
N GLN B 119 -20.34 23.60 -2.24
CA GLN B 119 -19.13 23.11 -1.62
C GLN B 119 -19.16 21.58 -1.64
N GLY B 120 -17.99 20.96 -1.74
CA GLY B 120 -17.92 19.52 -1.77
C GLY B 120 -16.51 19.16 -2.17
N THR B 121 -16.09 17.93 -1.91
CA THR B 121 -14.73 17.53 -2.27
C THR B 121 -14.68 16.07 -2.69
N LEU B 122 -14.08 15.82 -3.85
CA LEU B 122 -13.94 14.45 -4.32
C LEU B 122 -12.48 14.03 -4.30
N ILE B 123 -12.22 12.75 -4.05
CA ILE B 123 -10.86 12.24 -4.14
C ILE B 123 -10.90 11.45 -5.43
N VAL B 124 -9.95 11.70 -6.31
CA VAL B 124 -9.87 10.97 -7.57
C VAL B 124 -8.56 10.18 -7.50
N ALA B 125 -8.64 8.85 -7.37
CA ALA B 125 -7.43 8.05 -7.29
C ALA B 125 -7.33 7.02 -8.42
N LEU B 126 -6.12 6.72 -8.87
CA LEU B 126 -5.89 5.71 -9.91
C LEU B 126 -5.09 4.62 -9.20
N ILE B 127 -5.68 3.45 -9.04
CA ILE B 127 -5.02 2.39 -8.32
C ILE B 127 -4.56 1.25 -9.20
N PRO B 128 -3.28 0.84 -9.09
CA PRO B 128 -2.79 -0.26 -9.91
C PRO B 128 -3.14 -1.57 -9.21
N GLU B 129 -3.54 -2.59 -9.98
CA GLU B 129 -3.90 -3.90 -9.43
C GLU B 129 -4.83 -3.72 -8.25
N HIS B 130 -5.98 -3.10 -8.49
CA HIS B 130 -6.92 -2.90 -7.41
C HIS B 130 -7.74 -4.18 -7.25
N GLN B 131 -7.23 -5.13 -6.48
CA GLN B 131 -7.92 -6.39 -6.24
C GLN B 131 -8.99 -6.20 -5.17
N ILE B 132 -10.22 -6.01 -5.63
CA ILE B 132 -11.42 -5.80 -4.82
C ILE B 132 -11.71 -6.98 -3.88
N ALA B 133 -12.32 -6.71 -2.72
CA ALA B 133 -12.67 -7.76 -1.76
C ALA B 133 -14.11 -8.22 -2.00
N SER B 134 -14.47 -9.45 -1.63
CA SER B 134 -15.86 -9.80 -1.85
C SER B 134 -16.71 -9.33 -0.68
N ALA B 135 -17.99 -9.17 -0.96
CA ALA B 135 -18.96 -8.68 -0.01
C ALA B 135 -19.15 -9.56 1.20
N LEU B 136 -19.31 -10.85 0.97
CA LEU B 136 -19.53 -11.80 2.06
C LEU B 136 -18.32 -12.47 2.68
N HIS B 137 -18.61 -13.19 3.75
CA HIS B 137 -17.62 -13.96 4.48
C HIS B 137 -17.61 -15.36 3.83
N GLY B 138 -16.70 -16.20 4.27
CA GLY B 138 -16.65 -17.53 3.72
C GLY B 138 -15.81 -17.66 2.48
N ASN B 139 -15.89 -18.83 1.86
CA ASN B 139 -15.15 -19.12 0.66
C ASN B 139 -15.83 -18.57 -0.60
N VAL B 140 -15.80 -17.25 -0.74
CA VAL B 140 -16.39 -16.60 -1.90
C VAL B 140 -15.31 -15.76 -2.60
N ASN B 141 -15.54 -15.44 -3.87
CA ASN B 141 -14.63 -14.62 -4.68
C ASN B 141 -15.46 -13.74 -5.61
N VAL B 142 -14.88 -12.68 -6.15
CA VAL B 142 -15.64 -11.77 -7.01
C VAL B 142 -15.81 -12.28 -8.43
N GLY B 143 -17.06 -12.32 -8.89
CA GLY B 143 -17.33 -12.81 -10.22
C GLY B 143 -16.89 -11.91 -11.34
N TYR B 144 -16.38 -12.50 -12.40
CA TYR B 144 -15.92 -11.75 -13.58
C TYR B 144 -16.83 -10.62 -14.03
N ASN B 145 -18.13 -10.87 -14.11
CA ASN B 145 -19.03 -9.83 -14.56
C ASN B 145 -19.02 -8.59 -13.71
N TYR B 146 -18.86 -8.77 -12.41
CA TYR B 146 -18.90 -7.62 -11.52
C TYR B 146 -17.68 -6.73 -11.50
N THR B 147 -16.55 -7.22 -12.02
CA THR B 147 -15.39 -6.36 -12.09
C THR B 147 -15.22 -5.96 -13.56
N HIS B 148 -16.27 -6.13 -14.35
CA HIS B 148 -16.23 -5.75 -15.75
C HIS B 148 -17.54 -5.05 -16.14
N PRO B 149 -17.91 -3.99 -15.41
CA PRO B 149 -19.14 -3.24 -15.67
C PRO B 149 -19.15 -2.37 -16.91
N GLY B 150 -18.00 -2.18 -17.54
CA GLY B 150 -17.98 -1.36 -18.73
C GLY B 150 -17.98 0.13 -18.39
N GLU B 151 -18.38 0.95 -19.34
CA GLU B 151 -18.40 2.38 -19.12
C GLU B 151 -19.33 2.84 -18.01
N THR B 152 -20.27 1.97 -17.65
CA THR B 152 -21.21 2.28 -16.60
C THR B 152 -20.53 2.40 -15.24
N GLY B 153 -19.46 1.63 -15.04
CA GLY B 153 -18.77 1.66 -13.77
C GLY B 153 -19.60 1.02 -12.67
N ARG B 154 -19.20 1.21 -11.43
CA ARG B 154 -19.95 0.66 -10.33
C ARG B 154 -20.17 1.76 -9.32
N GLU B 155 -21.37 1.85 -8.79
CA GLU B 155 -21.70 2.88 -7.83
C GLU B 155 -22.00 2.25 -6.49
N VAL B 156 -21.56 2.87 -5.42
CA VAL B 156 -21.84 2.32 -4.11
C VAL B 156 -23.31 2.48 -3.86
N LYS B 157 -23.99 1.37 -3.70
CA LYS B 157 -25.40 1.34 -3.42
C LYS B 157 -25.37 0.39 -2.28
N ALA B 158 -26.02 0.68 -1.18
CA ALA B 158 -25.90 -0.27 -0.11
C ALA B 158 -27.24 -0.97 -0.03
N GLU B 159 -27.55 -1.80 -1.03
CA GLU B 159 -28.84 -2.44 -0.95
C GLU B 159 -29.20 -3.58 -1.88
N THR B 160 -29.00 -4.80 -1.41
CA THR B 160 -29.37 -6.05 -2.12
C THR B 160 -29.21 -6.25 -3.65
N ARG B 161 -28.15 -6.98 -4.05
CA ARG B 161 -27.93 -7.29 -5.46
C ARG B 161 -28.09 -8.85 -5.61
N LEU B 162 -27.52 -9.51 -6.65
CA LEU B 162 -27.73 -10.98 -6.81
C LEU B 162 -26.57 -12.03 -6.78
N ASN B 163 -26.87 -13.32 -6.68
CA ASN B 163 -25.76 -14.25 -6.60
C ASN B 163 -24.64 -13.50 -5.84
N PRO B 164 -25.02 -12.80 -4.74
CA PRO B 164 -24.23 -11.96 -3.79
C PRO B 164 -22.97 -12.57 -3.26
N ASP B 165 -22.80 -13.85 -3.56
CA ASP B 165 -21.64 -14.58 -3.15
C ASP B 165 -20.62 -14.32 -4.27
N LEU B 166 -21.05 -13.54 -5.26
CA LEU B 166 -20.20 -13.19 -6.40
C LEU B 166 -19.92 -11.69 -6.43
N GLN B 167 -20.57 -10.94 -5.54
CA GLN B 167 -20.44 -9.50 -5.48
C GLN B 167 -19.25 -8.96 -4.71
N PRO B 168 -18.72 -7.81 -5.13
CA PRO B 168 -17.59 -7.19 -4.43
C PRO B 168 -18.19 -6.45 -3.22
N THR B 169 -17.34 -6.00 -2.30
CA THR B 169 -17.81 -5.28 -1.11
C THR B 169 -18.23 -3.85 -1.45
N GLU B 170 -19.05 -3.25 -0.59
CA GLU B 170 -19.47 -1.85 -0.82
C GLU B 170 -18.79 -0.94 0.21
N GLU B 171 -17.80 -1.47 0.93
CA GLU B 171 -17.11 -0.69 1.94
C GLU B 171 -16.09 0.24 1.28
N TYR B 172 -16.63 1.32 0.74
CA TYR B 172 -15.81 2.31 0.06
C TYR B 172 -14.81 2.93 1.02
N TRP B 173 -15.14 3.02 2.30
CA TRP B 173 -14.21 3.66 3.22
C TRP B 173 -13.06 2.75 3.56
N LEU B 174 -13.11 1.52 3.06
CA LEU B 174 -12.03 0.56 3.28
C LEU B 174 -11.41 0.31 1.90
N ASN B 175 -11.53 1.31 1.03
CA ASN B 175 -11.01 1.25 -0.34
C ASN B 175 -11.47 0.00 -1.12
N PHE B 176 -12.55 -0.63 -0.65
CA PHE B 176 -13.09 -1.84 -1.28
C PHE B 176 -12.11 -2.98 -1.20
N ASP B 177 -11.05 -2.84 -0.42
CA ASP B 177 -10.09 -3.91 -0.34
C ASP B 177 -9.45 -4.16 1.01
N GLY B 178 -9.99 -3.57 2.06
CA GLY B 178 -9.42 -3.81 3.37
C GLY B 178 -8.33 -2.87 3.85
N THR B 179 -8.19 -1.71 3.22
CA THR B 179 -7.21 -0.72 3.63
C THR B 179 -8.02 0.55 3.86
N LEU B 180 -7.52 1.44 4.71
CA LEU B 180 -8.27 2.65 5.04
C LEU B 180 -8.23 3.74 4.00
N LEU B 181 -9.41 4.26 3.68
CA LEU B 181 -9.54 5.40 2.75
C LEU B 181 -8.67 6.38 3.50
N GLY B 182 -8.11 7.42 2.95
CA GLY B 182 -7.37 8.17 3.99
C GLY B 182 -5.92 7.90 3.76
N ASN B 183 -5.60 6.67 3.40
CA ASN B 183 -4.24 6.31 3.04
C ASN B 183 -4.28 6.11 1.52
N ILE B 184 -5.46 6.27 0.93
CA ILE B 184 -5.60 6.11 -0.51
C ILE B 184 -4.71 7.10 -1.27
N THR B 185 -4.25 8.14 -0.57
CA THR B 185 -3.40 9.17 -1.17
C THR B 185 -2.02 8.67 -1.55
N ILE B 186 -1.68 7.45 -1.15
CA ILE B 186 -0.40 6.85 -1.51
C ILE B 186 -0.45 6.50 -3.02
N PHE B 187 -1.63 6.55 -3.62
CA PHE B 187 -1.76 6.23 -5.05
C PHE B 187 -1.87 7.50 -5.86
N PRO B 188 -1.55 7.44 -7.16
CA PRO B 188 -1.67 8.67 -7.95
C PRO B 188 -3.09 9.21 -7.73
N HIS B 189 -3.21 10.49 -7.39
CA HIS B 189 -4.53 11.03 -7.13
C HIS B 189 -4.54 12.55 -7.17
N GLN B 190 -5.75 13.11 -7.14
CA GLN B 190 -5.98 14.55 -7.11
C GLN B 190 -7.28 14.71 -6.39
N PHE B 191 -7.52 15.89 -5.84
CA PHE B 191 -8.78 16.19 -5.17
C PHE B 191 -9.53 17.17 -6.05
N ILE B 192 -10.85 17.10 -6.09
CA ILE B 192 -11.58 18.13 -6.82
C ILE B 192 -12.34 18.79 -5.67
N ASN B 193 -11.86 19.95 -5.23
CA ASN B 193 -12.49 20.69 -4.13
C ASN B 193 -13.25 21.79 -4.86
N LEU B 194 -14.57 21.75 -4.81
CA LEU B 194 -15.34 22.70 -5.57
C LEU B 194 -15.00 24.16 -5.45
N ARG B 195 -14.52 24.62 -4.31
CA ARG B 195 -14.18 26.04 -4.24
C ARG B 195 -12.93 26.36 -5.05
N SER B 196 -12.17 25.35 -5.48
CA SER B 196 -10.91 25.58 -6.22
C SER B 196 -10.80 25.07 -7.62
N ASN B 197 -11.34 23.89 -7.90
CA ASN B 197 -11.19 23.37 -9.23
C ASN B 197 -12.41 22.69 -9.76
N ASN B 198 -12.44 22.45 -11.05
CA ASN B 198 -13.61 21.82 -11.63
C ASN B 198 -13.21 20.61 -12.42
N SER B 199 -11.96 20.17 -12.27
CA SER B 199 -11.51 19.00 -12.98
C SER B 199 -10.25 18.46 -12.33
N ALA B 200 -9.93 17.22 -12.66
CA ALA B 200 -8.72 16.54 -12.18
C ALA B 200 -8.20 15.85 -13.42
N THR B 201 -6.89 15.89 -13.61
CA THR B 201 -6.25 15.26 -14.75
C THR B 201 -5.09 14.40 -14.30
N ILE B 202 -5.12 13.12 -14.63
CA ILE B 202 -4.05 12.20 -14.26
C ILE B 202 -3.55 11.54 -15.54
N ILE B 203 -2.24 11.60 -15.77
CA ILE B 203 -1.67 10.97 -16.95
C ILE B 203 -1.00 9.75 -16.38
N ALA B 204 -1.28 8.58 -16.94
CA ALA B 204 -0.72 7.35 -16.41
C ALA B 204 -0.03 6.47 -17.43
N PRO B 205 1.16 5.97 -17.08
CA PRO B 205 1.89 5.09 -17.98
C PRO B 205 1.37 3.67 -17.80
N TYR B 206 1.88 2.74 -18.59
CA TYR B 206 1.50 1.36 -18.45
C TYR B 206 2.24 0.83 -17.23
N VAL B 207 1.56 0.12 -16.35
CA VAL B 207 2.23 -0.43 -15.18
C VAL B 207 1.80 -1.88 -15.06
N ASN B 208 2.76 -2.78 -15.13
CA ASN B 208 2.50 -4.21 -15.03
C ASN B 208 3.86 -4.89 -14.83
N ALA B 209 3.82 -6.17 -14.44
CA ALA B 209 5.04 -6.96 -14.23
C ALA B 209 5.41 -7.73 -15.49
N VAL B 210 4.66 -7.52 -16.59
CA VAL B 210 4.91 -8.14 -17.89
C VAL B 210 4.80 -6.99 -18.89
N PRO B 211 5.48 -7.08 -20.06
CA PRO B 211 5.43 -5.99 -21.04
C PRO B 211 4.11 -5.68 -21.77
N MET B 212 3.27 -6.69 -21.95
CA MET B 212 1.96 -6.52 -22.60
C MET B 212 1.12 -7.55 -21.89
N ASP B 213 -0.19 -7.45 -21.97
CA ASP B 213 -1.01 -8.42 -21.27
C ASP B 213 -2.36 -8.53 -21.94
N SER B 214 -3.17 -9.47 -21.46
CA SER B 214 -4.49 -9.70 -22.00
C SER B 214 -5.41 -8.62 -21.44
N MET B 215 -6.02 -7.81 -22.29
CA MET B 215 -6.88 -6.75 -21.78
C MET B 215 -8.24 -7.23 -21.28
N ARG B 216 -8.67 -8.39 -21.75
CA ARG B 216 -9.95 -8.95 -21.35
C ARG B 216 -9.87 -9.57 -19.96
N SER B 217 -8.73 -10.18 -19.66
CA SER B 217 -8.54 -10.86 -18.40
C SER B 217 -7.93 -10.09 -17.25
N HIS B 218 -7.14 -9.07 -17.55
CA HIS B 218 -6.49 -8.32 -16.50
C HIS B 218 -6.73 -6.83 -16.62
N ASN B 219 -7.33 -6.22 -15.60
CA ASN B 219 -7.55 -4.77 -15.59
C ASN B 219 -6.34 -4.21 -14.82
N ASN B 220 -5.61 -3.27 -15.41
CA ASN B 220 -4.43 -2.76 -14.76
C ASN B 220 -4.67 -1.67 -13.74
N TRP B 221 -5.56 -0.74 -14.09
CA TRP B 221 -5.84 0.40 -13.22
C TRP B 221 -7.29 0.40 -12.85
N SER B 222 -7.58 0.92 -11.67
CA SER B 222 -8.94 1.03 -11.21
C SER B 222 -9.04 2.53 -10.93
N LEU B 223 -10.10 3.19 -11.39
CA LEU B 223 -10.27 4.63 -11.13
C LEU B 223 -11.37 4.73 -10.08
N VAL B 224 -11.01 5.26 -8.91
CA VAL B 224 -11.92 5.38 -7.79
C VAL B 224 -12.23 6.85 -7.50
N ILE B 225 -13.51 7.19 -7.36
CA ILE B 225 -13.90 8.56 -7.05
C ILE B 225 -14.78 8.51 -5.80
N ILE B 226 -14.41 9.27 -4.79
CA ILE B 226 -15.13 9.23 -3.53
C ILE B 226 -15.37 10.61 -2.93
N PRO B 227 -16.65 10.95 -2.66
CA PRO B 227 -16.94 12.27 -2.08
C PRO B 227 -16.48 12.25 -0.61
N ILE B 228 -15.37 12.92 -0.31
CA ILE B 228 -14.85 12.94 1.04
C ILE B 228 -15.58 14.01 1.88
N CYS B 229 -16.07 15.04 1.21
CA CYS B 229 -16.86 16.10 1.83
C CYS B 229 -18.09 16.13 0.94
N PRO B 230 -19.29 16.05 1.53
CA PRO B 230 -20.54 16.03 0.78
C PRO B 230 -20.89 17.29 0.01
N LEU B 231 -21.68 17.09 -1.05
CA LEU B 231 -22.13 18.18 -1.89
C LEU B 231 -23.18 18.93 -1.09
N GLU B 232 -22.94 20.22 -0.84
CA GLU B 232 -23.89 21.06 -0.13
C GLU B 232 -24.06 22.39 -0.82
N THR B 233 -25.30 22.85 -0.94
CA THR B 233 -25.59 24.12 -1.58
C THR B 233 -27.00 24.56 -1.24
N SER B 234 -27.28 25.85 -1.37
CA SER B 234 -28.63 26.34 -1.13
C SER B 234 -29.30 26.56 -2.49
N SER B 235 -28.55 26.29 -3.55
CA SER B 235 -29.03 26.47 -4.91
C SER B 235 -30.08 25.41 -5.22
N ALA B 236 -30.97 25.67 -6.17
CA ALA B 236 -31.99 24.68 -6.55
C ALA B 236 -31.29 23.54 -7.30
N ILE B 237 -30.13 23.84 -7.89
CA ILE B 237 -29.35 22.86 -8.63
C ILE B 237 -28.53 22.11 -7.59
N ASN B 238 -29.18 21.19 -6.89
CA ASN B 238 -28.50 20.46 -5.84
C ASN B 238 -27.92 19.08 -6.13
N THR B 239 -27.81 18.72 -7.40
CA THR B 239 -27.14 17.49 -7.80
C THR B 239 -26.40 17.94 -9.04
N ILE B 240 -25.16 17.51 -9.19
CA ILE B 240 -24.39 17.89 -10.37
C ILE B 240 -23.73 16.65 -10.91
N PRO B 241 -23.54 16.57 -12.23
CA PRO B 241 -22.89 15.38 -12.77
C PRO B 241 -21.38 15.39 -12.64
N ILE B 242 -20.78 14.22 -12.81
CA ILE B 242 -19.35 14.07 -12.83
C ILE B 242 -19.19 13.35 -14.16
N THR B 243 -18.37 13.92 -15.04
CA THR B 243 -18.17 13.30 -16.34
C THR B 243 -16.72 12.88 -16.48
N ILE B 244 -16.48 11.69 -17.02
CA ILE B 244 -15.13 11.20 -17.18
C ILE B 244 -14.76 11.02 -18.65
N SER B 245 -13.59 11.52 -19.03
CA SER B 245 -13.12 11.38 -20.42
C SER B 245 -11.74 10.78 -20.30
N ILE B 246 -11.52 9.66 -20.97
CA ILE B 246 -10.26 8.95 -20.90
C ILE B 246 -9.66 8.77 -22.28
N SER B 247 -8.38 9.07 -22.42
CA SER B 247 -7.72 8.93 -23.69
C SER B 247 -6.58 7.94 -23.65
N PRO B 248 -6.67 6.83 -24.41
CA PRO B 248 -5.55 5.88 -24.40
C PRO B 248 -4.34 6.65 -24.95
N MET B 249 -3.15 6.18 -24.62
CA MET B 249 -1.94 6.83 -25.06
C MET B 249 -0.93 5.76 -25.39
N CYS B 250 -0.35 5.83 -26.58
CA CYS B 250 0.65 4.86 -26.99
C CYS B 250 0.10 3.44 -26.98
N ALA B 251 -1.14 3.29 -27.43
CA ALA B 251 -1.77 1.98 -27.47
C ALA B 251 -1.08 1.10 -28.51
N GLU B 252 -0.76 -0.14 -28.13
CA GLU B 252 -0.07 -1.11 -28.99
C GLU B 252 -0.79 -2.45 -28.83
N PHE B 253 -0.94 -3.18 -29.93
CA PHE B 253 -1.61 -4.48 -29.86
C PHE B 253 -0.84 -5.53 -30.61
N SER B 254 -0.94 -6.76 -30.15
CA SER B 254 -0.19 -7.80 -30.82
C SER B 254 -0.89 -9.17 -30.69
N GLY B 255 -0.69 -10.05 -31.66
CA GLY B 255 -1.34 -11.35 -31.58
C GLY B 255 -2.73 -11.30 -32.15
N ALA B 256 -2.84 -10.83 -33.40
CA ALA B 256 -4.12 -10.70 -34.08
C ALA B 256 -4.73 -12.02 -34.49
N ARG B 257 -6.04 -12.08 -34.41
CA ARG B 257 -6.79 -13.26 -34.83
C ARG B 257 -8.27 -12.86 -34.91
N ALA B 258 -9.22 -13.78 -34.72
CA ALA B 258 -10.62 -13.38 -34.79
C ALA B 258 -10.98 -12.55 -33.57
N LYS B 259 -12.12 -11.87 -33.63
CA LYS B 259 -12.58 -11.04 -32.53
C LYS B 259 -13.18 -11.90 -31.43
N ARG B 260 -12.73 -11.69 -30.20
CA ARG B 260 -13.24 -12.44 -29.08
C ARG B 260 -14.59 -11.91 -28.62
N GLN B 261 -15.54 -12.84 -28.49
CA GLN B 261 -16.91 -12.54 -28.04
C GLN B 261 -17.25 -12.76 -26.55
N GLY C 1 43.68 -31.29 8.81
CA GLY C 1 43.43 -30.01 8.12
C GLY C 1 43.72 -28.81 9.01
N LEU C 2 43.27 -27.64 8.58
CA LEU C 2 43.47 -26.40 9.32
C LEU C 2 42.87 -26.46 10.70
N PRO C 3 43.68 -26.33 11.76
CA PRO C 3 43.13 -26.37 13.12
C PRO C 3 42.19 -25.19 13.31
N VAL C 4 40.95 -25.49 13.74
CA VAL C 4 39.96 -24.46 13.98
C VAL C 4 39.40 -24.55 15.39
N PHE C 5 38.77 -23.47 15.84
CA PHE C 5 38.24 -23.38 17.19
C PHE C 5 36.80 -22.88 17.13
N ILE C 6 35.85 -23.71 17.53
CA ILE C 6 34.46 -23.32 17.46
C ILE C 6 34.05 -22.35 18.54
N THR C 7 33.41 -21.30 18.06
CA THR C 7 32.98 -20.15 18.81
C THR C 7 31.53 -20.22 19.29
N PRO C 8 31.22 -19.64 20.48
CA PRO C 8 29.83 -19.66 20.96
C PRO C 8 28.95 -18.96 19.92
N GLY C 9 27.71 -19.41 19.79
CA GLY C 9 26.83 -18.84 18.79
C GLY C 9 26.75 -19.79 17.61
N SER C 10 27.78 -20.60 17.41
CA SER C 10 27.81 -21.56 16.32
C SER C 10 26.57 -22.44 16.26
N GLY C 11 26.08 -22.67 15.04
CA GLY C 11 24.92 -23.51 14.86
C GLY C 11 23.55 -22.93 15.18
N GLN C 12 23.51 -21.73 15.74
CA GLN C 12 22.23 -21.11 16.09
C GLN C 12 21.58 -20.52 14.86
N PHE C 13 20.27 -20.29 14.96
CA PHE C 13 19.51 -19.64 13.90
C PHE C 13 19.02 -18.30 14.51
N LEU C 14 19.56 -17.20 14.00
CA LEU C 14 19.20 -15.86 14.45
C LEU C 14 18.46 -15.30 13.24
N THR C 15 17.18 -14.97 13.41
CA THR C 15 16.37 -14.53 12.29
C THR C 15 16.84 -13.25 11.62
N THR C 16 17.70 -12.48 12.28
CA THR C 16 18.18 -11.26 11.64
C THR C 16 19.63 -11.41 11.21
N ASP C 17 20.08 -12.64 11.00
CA ASP C 17 21.45 -12.89 10.58
C ASP C 17 21.67 -12.52 9.12
N ASP C 18 22.89 -12.66 8.63
CA ASP C 18 23.18 -12.31 7.24
C ASP C 18 24.32 -13.19 6.73
N PHE C 19 24.02 -14.44 6.36
CA PHE C 19 25.02 -15.37 5.86
C PHE C 19 24.63 -15.86 4.46
N GLN C 20 25.58 -16.48 3.79
CA GLN C 20 25.32 -17.02 2.47
C GLN C 20 24.83 -18.45 2.67
N SER C 21 24.15 -19.02 1.68
CA SER C 21 23.68 -20.39 1.77
C SER C 21 23.61 -20.95 0.36
N PRO C 22 23.79 -22.27 0.23
CA PRO C 22 23.74 -22.86 -1.10
C PRO C 22 22.41 -22.68 -1.80
N CYS C 23 22.47 -22.47 -3.12
CA CYS C 23 21.28 -22.31 -3.95
C CYS C 23 20.70 -23.68 -4.35
N ALA C 24 19.40 -23.88 -4.16
CA ALA C 24 18.80 -25.17 -4.49
C ALA C 24 18.57 -25.36 -5.98
N LEU C 25 18.61 -24.28 -6.76
CA LEU C 25 18.39 -24.36 -8.20
C LEU C 25 19.65 -23.83 -8.88
N PRO C 26 20.71 -24.64 -8.92
CA PRO C 26 21.94 -24.17 -9.55
C PRO C 26 21.78 -23.86 -11.02
N TRP C 27 22.52 -22.86 -11.49
CA TRP C 27 22.50 -22.47 -12.90
C TRP C 27 21.22 -21.81 -13.35
N TYR C 28 20.22 -21.70 -12.50
CA TYR C 28 18.97 -21.09 -12.91
C TYR C 28 19.14 -19.60 -13.21
N HIS C 29 18.56 -19.17 -14.32
CA HIS C 29 18.65 -17.79 -14.79
C HIS C 29 17.28 -17.11 -14.67
N PRO C 30 17.13 -16.14 -13.75
CA PRO C 30 15.84 -15.48 -13.58
C PRO C 30 15.39 -14.56 -14.69
N THR C 31 14.08 -14.34 -14.75
CA THR C 31 13.49 -13.48 -15.76
C THR C 31 14.12 -12.10 -15.75
N LYS C 32 14.46 -11.59 -16.92
CA LYS C 32 15.06 -10.26 -16.97
C LYS C 32 14.13 -9.23 -16.32
N GLU C 33 14.73 -8.17 -15.86
CA GLU C 33 13.98 -7.10 -15.23
C GLU C 33 13.49 -6.20 -16.33
N ILE C 34 12.25 -5.72 -16.23
CA ILE C 34 11.77 -4.77 -17.23
C ILE C 34 11.51 -3.49 -16.43
N SER C 35 11.25 -2.40 -17.11
CA SER C 35 10.99 -1.15 -16.44
C SER C 35 9.60 -1.04 -15.87
N ILE C 36 9.49 -0.86 -14.57
CA ILE C 36 8.20 -0.71 -13.96
C ILE C 36 8.23 0.60 -13.20
N PRO C 37 7.36 1.54 -13.56
CA PRO C 37 7.34 2.81 -12.84
C PRO C 37 6.97 2.63 -11.38
N GLY C 38 7.43 3.53 -10.52
CA GLY C 38 7.04 3.44 -9.13
C GLY C 38 7.95 2.68 -8.20
N GLU C 39 9.21 2.51 -8.54
CA GLU C 39 10.08 1.79 -7.63
C GLU C 39 10.28 2.51 -6.31
N VAL C 40 10.28 1.77 -5.21
CA VAL C 40 10.51 2.35 -3.88
C VAL C 40 11.81 1.76 -3.39
N LYS C 41 12.68 2.56 -2.80
CA LYS C 41 13.94 2.02 -2.30
C LYS C 41 14.05 2.08 -0.78
N ASN C 42 13.31 3.00 -0.17
CA ASN C 42 13.42 3.21 1.25
C ASN C 42 12.07 3.58 1.83
N LEU C 43 11.73 3.05 2.99
CA LEU C 43 10.45 3.33 3.62
C LEU C 43 10.19 4.81 3.89
N VAL C 44 11.23 5.62 4.00
CA VAL C 44 11.02 7.04 4.28
C VAL C 44 10.25 7.70 3.14
N GLU C 45 10.33 7.13 1.95
CA GLU C 45 9.61 7.68 0.79
C GLU C 45 8.10 7.64 1.05
N ILE C 46 7.64 6.65 1.79
CA ILE C 46 6.23 6.52 2.09
C ILE C 46 5.85 7.46 3.22
N CYS C 47 6.74 7.61 4.19
CA CYS C 47 6.51 8.49 5.33
C CYS C 47 6.40 9.94 4.89
N GLN C 48 6.91 10.24 3.70
CA GLN C 48 6.87 11.60 3.22
C GLN C 48 5.70 11.95 2.34
N VAL C 49 4.74 11.07 2.25
CA VAL C 49 3.54 11.28 1.46
C VAL C 49 2.40 11.62 2.42
N ASP C 50 1.66 12.67 2.12
CA ASP C 50 0.55 13.06 2.97
C ASP C 50 -0.55 12.02 2.99
N SER C 51 -1.19 11.83 4.14
CA SER C 51 -2.34 10.95 4.21
C SER C 51 -3.26 11.63 5.21
N LEU C 52 -4.55 11.36 5.10
CA LEU C 52 -5.54 11.98 5.95
C LEU C 52 -5.54 11.43 7.36
N VAL C 53 -5.62 12.33 8.32
CA VAL C 53 -5.65 11.95 9.73
C VAL C 53 -7.14 11.79 10.11
N PRO C 54 -7.52 10.64 10.71
CA PRO C 54 -8.92 10.40 11.12
C PRO C 54 -9.17 11.16 12.41
N ILE C 55 -9.11 12.46 12.28
CA ILE C 55 -9.25 13.40 13.36
C ILE C 55 -10.58 13.33 14.13
N ASN C 56 -11.65 12.97 13.45
CA ASN C 56 -12.97 12.87 14.08
C ASN C 56 -13.25 11.42 14.46
N ASN C 57 -12.40 10.86 15.31
CA ASN C 57 -12.56 9.48 15.68
C ASN C 57 -13.47 9.25 16.88
N THR C 58 -14.76 9.53 16.69
CA THR C 58 -15.71 9.33 17.76
C THR C 58 -16.61 8.19 17.33
N ASP C 59 -17.36 7.62 18.26
CA ASP C 59 -18.23 6.49 17.95
C ASP C 59 -19.26 6.79 16.89
N THR C 60 -19.58 8.06 16.74
CA THR C 60 -20.57 8.48 15.76
C THR C 60 -20.08 8.42 14.31
N TYR C 61 -18.83 8.78 14.07
CA TYR C 61 -18.30 8.83 12.70
C TYR C 61 -17.36 7.71 12.35
N ILE C 62 -17.14 6.88 13.33
CA ILE C 62 -16.19 5.83 13.20
C ILE C 62 -16.10 4.92 12.01
N ASN C 63 -17.08 4.26 11.47
CA ASN C 63 -16.58 3.46 10.33
C ASN C 63 -17.06 4.03 9.02
N SER C 64 -16.64 5.26 8.75
CA SER C 64 -17.10 5.93 7.55
C SER C 64 -16.12 6.99 7.14
N GLU C 65 -16.46 7.73 6.10
CA GLU C 65 -15.60 8.78 5.62
C GLU C 65 -15.67 10.02 6.52
N ASN C 66 -16.63 10.06 7.44
CA ASN C 66 -16.74 11.24 8.29
C ASN C 66 -15.72 11.37 9.38
N MET C 67 -15.00 10.30 9.67
CA MET C 67 -13.98 10.39 10.70
C MET C 67 -12.82 11.24 10.20
N TYR C 68 -12.82 11.56 8.91
CA TYR C 68 -11.73 12.31 8.31
C TYR C 68 -11.93 13.80 8.13
N SER C 69 -13.04 14.35 8.61
CA SER C 69 -13.26 15.78 8.47
C SER C 69 -13.88 16.35 9.72
N VAL C 70 -13.68 17.65 9.90
CA VAL C 70 -14.22 18.37 11.05
C VAL C 70 -15.15 19.41 10.48
N VAL C 71 -16.26 19.66 11.15
CA VAL C 71 -17.21 20.65 10.68
C VAL C 71 -17.06 21.97 11.40
N LEU C 72 -16.89 23.04 10.63
CA LEU C 72 -16.77 24.38 11.19
C LEU C 72 -18.15 25.00 11.14
N GLN C 73 -18.43 25.90 12.08
CA GLN C 73 -19.72 26.54 12.21
C GLN C 73 -19.77 28.04 12.19
N SER C 74 -20.69 28.59 11.41
CA SER C 74 -20.80 30.04 11.33
C SER C 74 -21.58 30.60 12.51
N SER C 75 -22.26 29.74 13.22
CA SER C 75 -23.04 30.21 14.36
C SER C 75 -22.18 30.49 15.57
N ILE C 76 -20.96 29.99 15.56
CA ILE C 76 -20.05 30.21 16.68
C ILE C 76 -19.36 31.55 16.51
N ASN C 77 -19.58 32.47 17.45
CA ASN C 77 -18.87 33.76 17.40
C ASN C 77 -18.02 33.80 18.69
N ALA C 78 -17.00 32.94 18.77
CA ALA C 78 -16.17 32.87 19.98
C ALA C 78 -14.85 32.17 19.67
N PRO C 79 -13.84 32.36 20.53
CA PRO C 79 -12.51 31.74 20.35
C PRO C 79 -12.50 30.30 20.86
N ASP C 80 -13.41 29.48 20.33
CA ASP C 80 -13.54 28.08 20.70
C ASP C 80 -12.49 27.17 20.10
N LYS C 81 -12.29 26.04 20.76
CA LYS C 81 -11.35 25.01 20.34
C LYS C 81 -12.12 24.17 19.33
N ILE C 82 -11.52 23.83 18.21
CA ILE C 82 -12.22 23.03 17.22
C ILE C 82 -11.87 21.56 17.36
N PHE C 83 -10.59 21.28 17.56
CA PHE C 83 -10.13 19.90 17.76
C PHE C 83 -8.70 19.92 18.27
N SER C 84 -8.21 18.77 18.72
CA SER C 84 -6.83 18.67 19.17
C SER C 84 -6.37 17.23 19.01
N ILE C 85 -5.05 17.01 18.93
CA ILE C 85 -4.54 15.65 18.81
C ILE C 85 -3.14 15.63 19.38
N ARG C 86 -2.71 14.47 19.88
CA ARG C 86 -1.37 14.38 20.40
C ARG C 86 -0.50 14.36 19.16
N THR C 87 0.74 14.77 19.35
CA THR C 87 1.69 14.86 18.28
C THR C 87 2.55 13.59 18.07
N ASP C 88 2.48 12.65 19.01
CA ASP C 88 3.23 11.41 18.92
C ASP C 88 2.84 10.63 17.66
N VAL C 89 3.77 10.43 16.72
CA VAL C 89 3.45 9.72 15.46
C VAL C 89 2.67 8.43 15.51
N ALA C 90 2.85 7.63 16.55
CA ALA C 90 2.12 6.38 16.56
C ALA C 90 1.01 6.34 17.59
N SER C 91 0.63 7.51 18.10
CA SER C 91 -0.45 7.55 19.07
C SER C 91 -1.74 7.73 18.28
N GLN C 92 -2.89 7.51 18.91
CA GLN C 92 -4.15 7.70 18.21
C GLN C 92 -4.51 9.19 18.22
N PRO C 93 -5.12 9.71 17.16
CA PRO C 93 -5.53 9.08 15.91
C PRO C 93 -4.48 8.97 14.79
N LEU C 94 -3.28 9.51 15.00
CA LEU C 94 -2.26 9.43 13.96
C LEU C 94 -1.81 8.02 13.59
N ALA C 95 -1.92 7.11 14.55
CA ALA C 95 -1.46 5.75 14.35
C ALA C 95 -1.77 5.08 13.02
N THR C 96 -3.00 5.19 12.51
CA THR C 96 -3.33 4.52 11.24
C THR C 96 -3.06 5.27 9.96
N THR C 97 -2.32 6.38 10.04
CA THR C 97 -1.99 7.12 8.82
C THR C 97 -0.77 6.42 8.22
N LEU C 98 -0.35 6.81 7.02
CA LEU C 98 0.80 6.15 6.42
C LEU C 98 1.99 6.27 7.32
N ILE C 99 2.31 7.49 7.72
CA ILE C 99 3.47 7.68 8.58
C ILE C 99 3.30 7.00 9.94
N GLY C 100 2.08 6.95 10.47
CA GLY C 100 1.91 6.29 11.75
C GLY C 100 2.06 4.79 11.62
N GLU C 101 1.61 4.25 10.49
CA GLU C 101 1.69 2.83 10.27
C GLU C 101 3.13 2.39 10.08
N ILE C 102 3.91 3.13 9.30
CA ILE C 102 5.32 2.76 9.12
C ILE C 102 6.09 2.94 10.44
N SER C 103 5.78 4.00 11.17
CA SER C 103 6.43 4.24 12.45
C SER C 103 6.17 3.10 13.41
N SER C 104 5.04 2.42 13.25
CA SER C 104 4.75 1.34 14.17
C SER C 104 5.55 0.06 13.88
N TYR C 105 6.41 0.11 12.87
CA TYR C 105 7.27 -1.04 12.56
C TYR C 105 8.67 -0.72 13.07
N PHE C 106 8.79 0.38 13.82
CA PHE C 106 10.08 0.80 14.39
C PHE C 106 9.91 1.19 15.85
N THR C 107 11.01 1.32 16.58
CA THR C 107 10.89 1.63 17.99
C THR C 107 11.16 3.07 18.36
N HIS C 108 12.01 3.74 17.58
CA HIS C 108 12.37 5.10 17.86
C HIS C 108 12.11 5.96 16.66
N TRP C 109 11.84 7.24 16.89
CA TRP C 109 11.63 8.18 15.81
C TRP C 109 12.21 9.54 16.15
N THR C 110 12.42 10.33 15.11
CA THR C 110 12.92 11.68 15.31
C THR C 110 12.53 12.48 14.07
N GLY C 111 12.52 13.80 14.18
CA GLY C 111 12.20 14.59 13.02
C GLY C 111 10.98 15.47 13.18
N SER C 112 10.73 16.25 12.15
CA SER C 112 9.62 17.16 12.18
C SER C 112 8.45 16.63 11.38
N LEU C 113 7.24 16.98 11.82
CA LEU C 113 6.05 16.53 11.15
C LEU C 113 5.42 17.69 10.42
N ARG C 114 4.94 17.46 9.21
CA ARG C 114 4.28 18.51 8.47
C ARG C 114 2.79 18.22 8.51
N PHE C 115 2.00 19.17 9.02
CA PHE C 115 0.54 19.01 9.05
C PHE C 115 -0.06 19.97 8.06
N SER C 116 -0.93 19.48 7.18
CA SER C 116 -1.56 20.36 6.21
C SER C 116 -3.04 20.30 6.37
N PHE C 117 -3.71 21.42 6.10
CA PHE C 117 -5.15 21.50 6.21
C PHE C 117 -5.76 22.04 4.94
N MET C 118 -6.91 21.49 4.56
CA MET C 118 -7.60 21.92 3.35
C MET C 118 -9.00 22.35 3.75
N PHE C 119 -9.36 23.57 3.39
CA PHE C 119 -10.67 24.10 3.71
C PHE C 119 -11.58 23.73 2.56
N CYS C 120 -12.72 23.13 2.86
CA CYS C 120 -13.63 22.68 1.82
C CYS C 120 -14.96 23.39 1.73
N GLY C 121 -15.03 24.60 2.26
CA GLY C 121 -16.27 25.33 2.17
C GLY C 121 -16.38 25.98 0.80
N THR C 122 -17.46 26.72 0.63
CA THR C 122 -17.79 27.47 -0.58
C THR C 122 -16.67 28.44 -0.94
N ALA C 123 -16.62 28.87 -2.19
CA ALA C 123 -15.58 29.84 -2.59
C ALA C 123 -15.86 31.21 -1.97
N ASN C 124 -17.08 31.41 -1.50
CA ASN C 124 -17.50 32.66 -0.88
C ASN C 124 -17.47 32.61 0.64
N THR C 125 -17.05 31.48 1.20
CA THR C 125 -16.98 31.36 2.65
C THR C 125 -15.58 31.69 3.11
N THR C 126 -15.46 32.37 4.24
CA THR C 126 -14.13 32.75 4.73
C THR C 126 -14.00 32.45 6.21
N VAL C 127 -12.74 32.45 6.68
CA VAL C 127 -12.45 32.22 8.09
C VAL C 127 -10.95 32.33 8.33
N LYS C 128 -10.57 32.62 9.56
CA LYS C 128 -9.16 32.68 9.91
C LYS C 128 -9.08 31.72 11.09
N LEU C 129 -8.09 30.83 11.09
CA LEU C 129 -7.97 29.87 12.17
C LEU C 129 -6.63 29.96 12.80
N LEU C 130 -6.55 29.53 14.04
CA LEU C 130 -5.28 29.51 14.74
C LEU C 130 -4.91 28.05 14.91
N LEU C 131 -3.81 27.64 14.30
CA LEU C 131 -3.29 26.27 14.42
C LEU C 131 -2.09 26.38 15.34
N ALA C 132 -2.10 25.66 16.47
CA ALA C 132 -1.00 25.79 17.40
C ALA C 132 -0.41 24.49 17.86
N TYR C 133 0.90 24.52 18.09
CA TYR C 133 1.62 23.36 18.61
C TYR C 133 2.14 23.70 20.01
N THR C 134 1.75 22.89 20.98
CA THR C 134 2.17 23.10 22.37
C THR C 134 3.27 22.13 22.75
N PRO C 135 4.53 22.62 22.94
CA PRO C 135 5.64 21.73 23.34
C PRO C 135 5.23 21.00 24.61
N PRO C 136 5.85 19.85 24.92
CA PRO C 136 5.47 19.08 26.12
C PRO C 136 5.79 19.71 27.46
N GLY C 137 5.47 18.96 28.52
CA GLY C 137 5.74 19.46 29.85
C GLY C 137 4.59 20.23 30.44
N ILE C 138 3.48 20.31 29.73
CA ILE C 138 2.33 21.04 30.23
C ILE C 138 1.08 20.39 29.66
N ALA C 139 -0.06 20.67 30.30
CA ALA C 139 -1.33 20.12 29.86
C ALA C 139 -1.72 20.76 28.56
N GLU C 140 -2.54 20.08 27.77
CA GLU C 140 -2.97 20.66 26.51
C GLU C 140 -3.78 21.91 26.85
N PRO C 141 -3.64 22.97 26.04
CA PRO C 141 -4.35 24.23 26.28
C PRO C 141 -5.86 24.19 26.20
N THR C 142 -6.53 24.92 27.09
CA THR C 142 -7.98 24.93 27.07
C THR C 142 -8.50 26.30 26.66
N THR C 143 -7.60 27.25 26.43
CA THR C 143 -8.01 28.59 25.99
C THR C 143 -7.12 29.01 24.84
N ARG C 144 -7.66 29.86 23.96
CA ARG C 144 -6.87 30.32 22.84
C ARG C 144 -5.61 31.04 23.30
N LYS C 145 -5.71 31.79 24.40
CA LYS C 145 -4.54 32.53 24.90
C LYS C 145 -3.40 31.59 25.22
N ASP C 146 -3.70 30.51 25.92
CA ASP C 146 -2.66 29.54 26.28
C ASP C 146 -2.13 28.81 25.08
N ALA C 147 -2.97 28.60 24.07
CA ALA C 147 -2.51 27.88 22.90
C ALA C 147 -1.56 28.73 22.10
N MET C 148 -1.93 29.98 21.86
CA MET C 148 -1.09 30.85 21.04
C MET C 148 0.24 31.22 21.66
N LEU C 149 0.42 30.95 22.95
CA LEU C 149 1.68 31.24 23.58
C LEU C 149 2.75 30.28 23.06
N GLY C 150 2.32 29.25 22.34
CA GLY C 150 3.26 28.28 21.78
C GLY C 150 3.58 28.54 20.30
N THR C 151 3.99 27.50 19.59
CA THR C 151 4.31 27.62 18.19
C THR C 151 3.00 27.64 17.44
N HIS C 152 2.79 28.60 16.55
CA HIS C 152 1.52 28.62 15.88
C HIS C 152 1.53 29.33 14.55
N VAL C 153 0.47 29.13 13.78
CA VAL C 153 0.30 29.74 12.46
C VAL C 153 -1.11 30.31 12.43
N ILE C 154 -1.27 31.51 11.90
CA ILE C 154 -2.61 32.07 11.77
C ILE C 154 -2.92 31.91 10.30
N TRP C 155 -3.94 31.10 10.02
CA TRP C 155 -4.33 30.78 8.66
C TRP C 155 -5.51 31.58 8.12
N ASP C 156 -5.24 32.33 7.05
CA ASP C 156 -6.28 33.09 6.41
C ASP C 156 -6.78 32.28 5.24
N VAL C 157 -8.02 31.82 5.35
CA VAL C 157 -8.64 31.03 4.30
C VAL C 157 -9.27 32.00 3.33
N GLY C 158 -8.61 32.16 2.20
CA GLY C 158 -9.14 33.06 1.19
C GLY C 158 -9.21 32.34 -0.15
N LEU C 159 -8.20 32.53 -0.99
CA LEU C 159 -8.17 31.94 -2.31
C LEU C 159 -7.40 30.61 -2.35
N GLN C 160 -6.45 30.45 -1.43
CA GLN C 160 -5.74 29.17 -1.36
C GLN C 160 -6.49 28.44 -0.26
N SER C 161 -6.76 27.18 -0.54
CA SER C 161 -7.54 26.43 0.37
C SER C 161 -6.72 25.61 1.31
N THR C 162 -5.42 25.61 1.09
CA THR C 162 -4.55 24.80 1.92
C THR C 162 -3.43 25.53 2.62
N ILE C 163 -2.97 24.97 3.73
CA ILE C 163 -1.85 25.53 4.45
C ILE C 163 -1.08 24.40 5.08
N SER C 164 0.21 24.62 5.28
CA SER C 164 1.07 23.64 5.91
C SER C 164 1.74 24.26 7.07
N MET C 165 1.80 23.51 8.14
CA MET C 165 2.44 23.97 9.32
C MET C 165 3.39 22.86 9.72
N VAL C 166 4.52 23.21 10.30
CA VAL C 166 5.50 22.22 10.70
C VAL C 166 5.61 22.13 12.20
N VAL C 167 5.55 20.91 12.75
CA VAL C 167 5.73 20.70 14.18
C VAL C 167 7.21 20.32 14.24
N PRO C 168 8.05 21.22 14.80
CA PRO C 168 9.48 20.94 14.88
C PRO C 168 9.86 19.93 15.94
N TRP C 169 11.02 19.33 15.76
CA TRP C 169 11.46 18.36 16.73
C TRP C 169 11.95 19.15 17.92
N ILE C 170 11.27 19.02 19.05
CA ILE C 170 11.69 19.68 20.28
C ILE C 170 11.60 18.58 21.32
N SER C 171 12.74 18.02 21.67
CA SER C 171 12.76 16.90 22.59
C SER C 171 14.07 16.94 23.34
N ALA C 172 14.10 16.38 24.54
CA ALA C 172 15.35 16.35 25.30
C ALA C 172 16.32 15.41 24.57
N SER C 173 15.88 14.17 24.36
CA SER C 173 16.67 13.16 23.68
C SER C 173 16.56 13.31 22.18
N HIS C 174 17.56 12.77 21.47
CA HIS C 174 17.57 12.84 20.02
C HIS C 174 16.47 12.03 19.37
N TYR C 175 16.01 10.97 20.04
CA TYR C 175 14.94 10.14 19.51
C TYR C 175 13.90 9.94 20.59
N ARG C 176 12.71 9.49 20.20
CA ARG C 176 11.63 9.22 21.14
C ARG C 176 11.12 7.83 20.80
N ASN C 177 10.41 7.20 21.72
CA ASN C 177 9.87 5.88 21.44
C ASN C 177 8.59 6.06 20.66
N THR C 178 8.30 5.14 19.73
CA THR C 178 7.08 5.24 18.96
C THR C 178 5.93 4.80 19.85
N SER C 179 6.22 3.98 20.85
CA SER C 179 5.19 3.58 21.80
C SER C 179 5.50 4.44 23.01
N PRO C 180 4.75 5.53 23.20
CA PRO C 180 5.05 6.39 24.37
C PRO C 180 4.28 5.91 25.61
N GLY C 181 4.86 6.05 26.79
CA GLY C 181 4.10 5.59 27.94
C GLY C 181 3.34 6.79 28.46
N ARG C 182 3.83 7.27 29.59
CA ARG C 182 3.29 8.46 30.25
C ARG C 182 4.16 9.55 29.60
N SER C 183 4.06 9.69 28.28
CA SER C 183 4.88 10.68 27.59
C SER C 183 4.20 11.29 26.41
N THR C 184 4.63 12.49 26.05
CA THR C 184 4.05 13.16 24.92
C THR C 184 5.07 14.04 24.27
N SER C 185 4.80 14.32 23.00
CA SER C 185 5.64 15.19 22.20
C SER C 185 4.87 16.49 22.09
N GLY C 186 3.68 16.54 22.68
CA GLY C 186 2.92 17.75 22.61
C GLY C 186 1.59 17.58 21.92
N TYR C 187 0.95 18.72 21.64
CA TYR C 187 -0.35 18.72 21.02
C TYR C 187 -0.47 19.72 19.93
N ILE C 188 -1.45 19.48 19.07
CA ILE C 188 -1.79 20.39 18.00
C ILE C 188 -3.24 20.75 18.32
N THR C 189 -3.56 22.03 18.43
CA THR C 189 -4.95 22.40 18.67
C THR C 189 -5.35 23.44 17.62
N CYS C 190 -6.65 23.46 17.30
CA CYS C 190 -7.17 24.35 16.29
C CYS C 190 -8.22 25.22 16.92
N TRP C 191 -8.19 26.52 16.65
CA TRP C 191 -9.12 27.47 17.24
C TRP C 191 -9.65 28.46 16.25
N TYR C 192 -10.81 29.04 16.53
CA TYR C 192 -11.34 30.08 15.66
C TYR C 192 -10.53 31.32 15.97
N GLN C 193 -9.89 31.90 14.96
CA GLN C 193 -9.13 33.12 15.17
C GLN C 193 -10.13 34.27 14.99
N THR C 194 -10.99 34.15 13.98
CA THR C 194 -12.04 35.14 13.78
C THR C 194 -13.37 34.39 13.80
N ARG C 195 -13.98 34.19 12.63
CA ARG C 195 -15.26 33.51 12.59
C ARG C 195 -15.49 32.98 11.18
N LEU C 196 -16.31 31.95 11.03
CA LEU C 196 -16.62 31.43 9.68
C LEU C 196 -17.74 32.35 9.16
N VAL C 197 -17.44 33.19 8.18
CA VAL C 197 -18.43 34.12 7.67
C VAL C 197 -18.91 33.68 6.30
N ILE C 198 -20.21 33.83 6.07
CA ILE C 198 -20.80 33.43 4.80
C ILE C 198 -21.78 34.50 4.33
N PRO C 199 -21.99 34.59 3.01
CA PRO C 199 -22.95 35.56 2.49
C PRO C 199 -24.33 34.92 2.63
N PRO C 200 -25.37 35.59 2.17
CA PRO C 200 -26.69 34.96 2.29
C PRO C 200 -26.77 33.70 1.42
N GLN C 201 -27.71 32.80 1.74
CA GLN C 201 -27.91 31.60 0.93
C GLN C 201 -26.70 30.75 0.61
N THR C 202 -25.91 30.49 1.65
CA THR C 202 -24.74 29.67 1.52
C THR C 202 -24.84 28.71 2.71
N PRO C 203 -24.38 27.46 2.53
CA PRO C 203 -24.43 26.52 3.64
C PRO C 203 -23.72 27.14 4.84
N PRO C 204 -24.33 27.05 6.03
CA PRO C 204 -23.75 27.63 7.25
C PRO C 204 -22.60 26.88 7.92
N THR C 205 -22.21 25.72 7.39
CA THR C 205 -21.09 24.97 7.95
C THR C 205 -20.18 24.61 6.79
N ALA C 206 -18.95 24.21 7.10
CA ALA C 206 -17.98 23.84 6.09
C ALA C 206 -17.02 22.87 6.73
N ARG C 207 -16.47 21.97 5.93
CA ARG C 207 -15.54 20.97 6.45
C ARG C 207 -14.08 21.33 6.25
N LEU C 208 -13.26 20.68 7.06
CA LEU C 208 -11.84 20.88 7.07
C LEU C 208 -11.19 19.49 7.05
N LEU C 209 -10.15 19.34 6.24
CA LEU C 209 -9.43 18.08 6.11
C LEU C 209 -8.02 18.28 6.70
N CYS C 210 -7.47 17.27 7.36
CA CYS C 210 -6.15 17.38 7.95
C CYS C 210 -5.21 16.26 7.46
N PHE C 211 -4.03 16.62 6.96
CA PHE C 211 -3.06 15.63 6.45
C PHE C 211 -1.79 15.69 7.26
N VAL C 212 -1.04 14.59 7.23
CA VAL C 212 0.22 14.56 7.92
C VAL C 212 1.24 13.79 7.10
N SER C 213 2.50 14.20 7.17
CA SER C 213 3.61 13.51 6.51
C SER C 213 4.88 13.95 7.23
N GLY C 214 6.01 13.30 6.97
CA GLY C 214 7.21 13.73 7.66
C GLY C 214 8.07 14.65 6.83
N CYS C 215 8.90 15.46 7.47
CA CYS C 215 9.80 16.35 6.74
C CYS C 215 11.10 15.63 6.39
N LYS C 216 12.02 16.34 5.74
CA LYS C 216 13.34 15.82 5.29
C LYS C 216 14.09 15.27 6.50
N ASP C 217 13.66 15.82 7.62
CA ASP C 217 14.05 15.60 8.98
C ASP C 217 13.90 14.18 9.52
N PHE C 218 12.73 13.64 9.20
CA PHE C 218 12.21 12.36 9.65
C PHE C 218 13.02 11.12 9.49
N CYS C 219 13.06 10.36 10.57
CA CYS C 219 13.84 9.15 10.61
C CYS C 219 13.31 8.19 11.67
N LEU C 220 13.41 6.90 11.38
CA LEU C 220 12.94 5.84 12.26
C LEU C 220 14.06 4.82 12.46
N ARG C 221 14.13 4.18 13.63
CA ARG C 221 15.12 3.12 13.82
C ARG C 221 14.65 1.99 14.72
N MET C 222 15.39 0.90 14.65
CA MET C 222 15.11 -0.31 15.42
C MET C 222 13.79 -0.97 15.01
N ALA C 223 13.85 -1.71 13.91
CA ALA C 223 12.72 -2.40 13.35
C ALA C 223 12.10 -3.35 14.35
N ARG C 224 10.77 -3.38 14.35
CA ARG C 224 10.05 -4.26 15.24
C ARG C 224 8.72 -4.59 14.60
N ASP C 225 8.02 -5.55 15.17
CA ASP C 225 6.74 -5.92 14.61
C ASP C 225 5.69 -4.92 15.07
N THR C 226 4.72 -4.68 14.20
CA THR C 226 3.67 -3.71 14.48
C THR C 226 2.61 -4.16 15.45
N ASN C 227 2.10 -3.22 16.23
CA ASN C 227 1.06 -3.49 17.21
C ASN C 227 -0.29 -3.12 16.58
N LEU C 228 -0.26 -2.63 15.35
CA LEU C 228 -1.46 -2.19 14.69
C LEU C 228 -2.15 -3.26 13.84
N HIS C 229 -1.69 -4.50 13.91
CA HIS C 229 -2.29 -5.57 13.13
C HIS C 229 -2.21 -6.92 13.88
N LEU C 230 -3.22 -7.75 13.69
CA LEU C 230 -3.38 -9.04 14.38
C LEU C 230 -3.62 -10.26 13.52
N GLN C 231 -3.42 -11.41 14.15
CA GLN C 231 -3.76 -12.66 13.54
C GLN C 231 -4.28 -13.48 14.70
N SER C 232 -5.59 -13.63 14.77
CA SER C 232 -6.19 -14.40 15.85
C SER C 232 -6.85 -15.58 15.19
N GLY C 233 -6.05 -16.49 14.65
CA GLY C 233 -6.61 -17.63 13.98
C GLY C 233 -5.88 -17.94 12.67
N ALA C 234 -6.22 -19.07 12.06
CA ALA C 234 -5.58 -19.45 10.82
C ALA C 234 -6.17 -18.68 9.63
N ILE C 235 -5.35 -18.54 8.60
CA ILE C 235 -5.75 -17.88 7.37
C ILE C 235 -6.03 -19.04 6.41
N ALA C 236 -7.30 -19.19 6.01
CA ALA C 236 -7.71 -20.27 5.10
C ALA C 236 -7.02 -20.26 3.76
N GLN C 237 -6.70 -21.45 3.26
CA GLN C 237 -6.06 -21.53 1.95
C GLN C 237 -7.16 -21.60 0.92
N ALA D 2 37.47 -9.53 -0.97
CA ALA D 2 37.55 -8.06 -0.75
C ALA D 2 37.11 -7.59 0.64
N GLN D 3 37.45 -6.34 0.94
CA GLN D 3 37.15 -5.74 2.23
C GLN D 3 36.21 -4.55 2.05
N VAL D 4 35.27 -4.35 2.97
CA VAL D 4 34.30 -3.27 2.86
C VAL D 4 34.23 -2.49 4.17
N SER D 5 33.82 -1.24 4.10
CA SER D 5 33.70 -0.40 5.30
C SER D 5 32.37 -0.80 5.95
N ARG D 6 32.04 -0.28 7.13
CA ARG D 6 30.74 -0.63 7.72
C ARG D 6 30.17 0.51 8.54
N GLN D 7 28.86 0.52 8.75
CA GLN D 7 28.30 1.61 9.57
C GLN D 7 28.45 1.22 11.07
N ASN D 25 35.98 -1.34 9.28
CA ASN D 25 36.24 -2.29 8.13
C ASN D 25 36.08 -3.80 8.32
N TYR D 26 35.41 -4.47 7.39
CA TYR D 26 35.24 -5.92 7.49
C TYR D 26 35.47 -6.71 6.21
N PHE D 27 35.69 -8.01 6.39
CA PHE D 27 36.00 -8.93 5.30
C PHE D 27 34.81 -9.65 4.71
N ASN D 28 34.80 -9.73 3.39
CA ASN D 28 33.70 -10.38 2.74
C ASN D 28 33.91 -10.89 1.30
N ILE D 29 33.69 -12.19 1.06
CA ILE D 29 33.77 -12.71 -0.31
C ILE D 29 32.67 -13.69 -0.49
N ASN D 30 32.28 -13.93 -1.74
CA ASN D 30 31.23 -14.89 -2.01
C ASN D 30 31.82 -16.28 -2.17
N TYR D 31 31.16 -17.26 -1.57
CA TYR D 31 31.65 -18.63 -1.65
C TYR D 31 30.90 -19.54 -2.59
N PHE D 32 29.75 -19.10 -3.12
CA PHE D 32 28.95 -19.95 -4.02
C PHE D 32 28.86 -19.44 -5.42
N LYS D 33 28.57 -20.31 -6.36
CA LYS D 33 28.53 -19.90 -7.75
C LYS D 33 27.27 -19.22 -8.26
N ASP D 34 26.19 -19.25 -7.49
CA ASP D 34 24.92 -18.62 -7.89
C ASP D 34 24.68 -17.37 -7.07
N ALA D 35 24.32 -16.27 -7.72
CA ALA D 35 24.09 -15.04 -6.98
C ALA D 35 22.98 -15.11 -5.92
N ALA D 36 21.98 -15.94 -6.10
CA ALA D 36 20.92 -16.04 -5.11
C ALA D 36 21.50 -16.41 -3.75
N SER D 37 22.66 -17.06 -3.75
CA SER D 37 23.30 -17.51 -2.51
C SER D 37 23.88 -16.38 -1.66
N ASN D 38 24.22 -15.27 -2.31
CA ASN D 38 24.81 -14.14 -1.62
C ASN D 38 23.99 -13.57 -0.48
N GLY D 39 24.69 -12.90 0.43
CA GLY D 39 24.04 -12.28 1.57
C GLY D 39 23.32 -11.01 1.16
N ALA D 40 22.87 -10.25 2.16
CA ALA D 40 22.13 -9.02 1.91
C ALA D 40 22.89 -8.10 1.00
N SER D 41 22.17 -7.33 0.19
CA SER D 41 22.72 -6.36 -0.74
C SER D 41 23.30 -5.17 -0.05
N LYS D 42 24.30 -4.55 -0.68
CA LYS D 42 24.91 -3.32 -0.15
C LYS D 42 23.96 -2.22 -0.58
N LEU D 43 23.73 -1.24 0.29
CA LEU D 43 22.79 -0.17 -0.03
C LEU D 43 23.37 0.98 -0.91
O1 DAO E . 1.90 -13.84 -3.09
O2 DAO E . 2.36 -15.98 -2.56
C1 DAO E . 2.63 -14.90 -3.24
C2 DAO E . 3.86 -14.84 -4.29
C3 DAO E . 5.33 -14.88 -3.66
C4 DAO E . 6.15 -16.23 -3.92
C5 DAO E . 7.31 -16.44 -2.86
C6 DAO E . 7.92 -17.85 -2.96
C7 DAO E . 9.08 -18.18 -1.93
C8 DAO E . 8.75 -19.44 -1.00
C9 DAO E . 9.75 -20.72 -1.09
C10 DAO E . 9.29 -21.94 -0.12
C11 DAO E . 10.31 -23.15 0.15
C12 DAO E . 10.50 -24.20 -0.99
#